data_2Y5E
#
_entry.id   2Y5E
#
_cell.length_a   174.840
_cell.length_b   85.610
_cell.length_c   61.120
_cell.angle_alpha   90.00
_cell.angle_beta   96.83
_cell.angle_gamma   90.00
#
_symmetry.space_group_name_H-M   'C 1 2 1'
#
loop_
_entity.id
_entity.type
_entity.pdbx_description
1 polymer 'LIMIT DEXTRINASE'
2 branched Cyclohexakis-(1-4)-(alpha-D-glucopyranose)
3 non-polymer GLYCEROL
4 non-polymer 'CALCIUM ION'
5 non-polymer 'IODIDE ION'
6 water water
#
_entity_poly.entity_id   1
_entity_poly.type   'polypeptide(L)'
_entity_poly.pdbx_seq_one_letter_code
;AFMPDARAYWVTSDLIAWNVGELEAQSVCLYASRAAAMSLSPSNGGIQGYDSKVELQPESAGLPETVTQKFPFISSYRAF
RVPSSVDVASLVKCQLVVASFGADGKHVDVTGLQLPGVLDDMFAYTGPLGAVFSEDSVSLHLWAPTAQGVSVCFFDGPAG
PALETVQLKESNGVWSVTGPREWENRYYLYEVDVYHPTKAQVLKCLAGDPYARSLSANGARTWLVDINNETLKPASWDEL
ADEKPKLDSFSDITIYELHIRDFSAHDGTVDSDSRGGFRAFAYQASAGMEHLRKLSDAGLTHVHLLPSFHFAGVDDIKSN
WKFVDECELATFPPGSDMQQAAVVAIQEEDPYNWGYNPVLWGVPKGSYASDPDGPSRIIEYRQMVQALNRIGLRVVMDVV
YNHLDSSGPCGISSVLDKIVPGYYVRRDTNGQIENSAAMNNTASEHFMVDRLIVDDLLNWAVNYKVDGFRFDLMGHIMKR
TMMRAKSALQSLTTDAHGVDGSKIYLYGEGWDFAEVARNQRGINGSQLNMSGTGIGSFNDRIRDAINGGNPFGNPLQQGF
NTGLFLEPNGFYQGNEADTRRSLATYADQIQIGLAGNLRDYVLISHTGEAKKGSEIHTFDGLPVGYTASPIETINYVSAH
DNETLFDVISVKTPMILSVDERCRINHLASSMMALSQGIPFFHAGDEILRSKSIDRDSYNSGDWFNKLDFTYETNNWGVG
LPPSEKNEDNWPLMKPRLENPSFKPAKGHILAALDSFVDILKIRYSSPLFRLSTANDIKQRVRFHNTGPSLVPGVIVMGI
EDARGESPEMAQLDTNFSYVVTVFNVCPHEVSMDIPALASMGFELHPVQVNSSDTLVRKSAYEAATGRFTVPGRTVSVFV
EPRC
;
_entity_poly.pdbx_strand_id   A
#
# COMPACT_ATOMS: atom_id res chain seq x y z
N PHE A 2 -12.60 4.24 39.25
CA PHE A 2 -11.97 5.54 39.15
C PHE A 2 -11.09 5.67 37.90
N MET A 3 -11.74 5.79 36.74
CA MET A 3 -11.02 5.97 35.49
C MET A 3 -11.61 7.13 34.69
N PRO A 4 -10.98 8.30 34.79
CA PRO A 4 -11.49 9.46 34.04
C PRO A 4 -11.02 9.42 32.59
N ASP A 5 -11.74 10.10 31.71
CA ASP A 5 -11.32 10.21 30.32
C ASP A 5 -10.13 11.18 30.22
N ALA A 6 -9.89 11.68 29.02
CA ALA A 6 -8.78 12.62 28.81
C ALA A 6 -9.17 13.72 27.82
N ARG A 7 -9.77 14.78 28.32
CA ARG A 7 -10.23 15.88 27.48
C ARG A 7 -9.29 17.09 27.57
N ALA A 8 -8.24 16.96 28.36
CA ALA A 8 -7.23 18.01 28.48
C ALA A 8 -5.94 17.58 27.79
N TYR A 9 -5.18 18.57 27.32
CA TYR A 9 -3.94 18.31 26.58
C TYR A 9 -2.75 19.01 27.21
N TRP A 10 -1.67 18.28 27.44
CA TRP A 10 -0.43 18.89 27.90
C TRP A 10 0.48 19.08 26.68
N VAL A 11 0.40 20.26 26.07
CA VAL A 11 1.07 20.51 24.79
C VAL A 11 2.54 20.91 24.94
N THR A 12 2.85 21.73 25.93
CA THR A 12 4.23 22.13 26.18
C THR A 12 4.53 22.03 27.67
N SER A 13 5.81 22.05 28.01
CA SER A 13 6.25 21.88 29.38
C SER A 13 5.57 22.86 30.34
N ASP A 14 5.12 24.00 29.81
CA ASP A 14 4.54 25.05 30.65
C ASP A 14 3.11 25.43 30.26
N LEU A 15 2.52 24.69 29.32
CA LEU A 15 1.16 24.99 28.89
C LEU A 15 0.25 23.77 28.87
N ILE A 16 -0.99 23.97 29.31
CA ILE A 16 -1.99 22.92 29.29
C ILE A 16 -3.27 23.45 28.64
N ALA A 17 -3.74 22.74 27.61
CA ALA A 17 -4.91 23.18 26.87
C ALA A 17 -6.16 22.41 27.28
N TRP A 18 -7.20 23.14 27.66
CA TRP A 18 -8.47 22.54 28.03
C TRP A 18 -9.60 23.45 27.59
N ASN A 19 -10.64 22.85 27.00
CA ASN A 19 -11.73 23.63 26.42
C ASN A 19 -12.89 23.91 27.38
N VAL A 20 -12.55 24.45 28.55
CA VAL A 20 -13.56 24.82 29.54
C VAL A 20 -14.10 26.22 29.27
N GLY A 21 -15.06 26.65 30.10
CA GLY A 21 -15.65 27.97 29.93
C GLY A 21 -15.23 28.92 31.04
N GLU A 22 -15.68 30.18 30.93
CA GLU A 22 -15.35 31.20 31.91
C GLU A 22 -15.87 30.83 33.29
N SER A 27 -10.57 28.90 38.21
CA SER A 27 -10.03 27.96 39.19
C SER A 27 -9.82 26.57 38.58
N VAL A 28 -8.58 26.28 38.20
CA VAL A 28 -8.23 24.99 37.62
C VAL A 28 -6.97 24.43 38.29
N CYS A 29 -7.02 23.18 38.73
CA CYS A 29 -5.91 22.58 39.44
C CYS A 29 -5.42 21.26 38.83
N LEU A 30 -4.13 20.99 39.00
CA LEU A 30 -3.53 19.76 38.50
C LEU A 30 -3.18 18.84 39.67
N TYR A 31 -3.55 17.57 39.56
CA TYR A 31 -3.29 16.60 40.63
C TYR A 31 -2.42 15.45 40.14
N ALA A 32 -1.55 14.96 41.02
CA ALA A 32 -0.59 13.92 40.65
C ALA A 32 -0.44 12.86 41.72
N SER A 33 -0.58 11.60 41.33
CA SER A 33 -0.39 10.47 42.23
C SER A 33 0.53 9.43 41.61
N ARG A 34 1.70 9.25 42.19
CA ARG A 34 2.68 8.30 41.66
C ARG A 34 2.13 6.87 41.64
N ALA A 35 1.47 6.48 42.72
CA ALA A 35 0.90 5.13 42.83
C ALA A 35 -0.47 5.04 42.15
N ALA A 36 -0.91 6.13 41.54
CA ALA A 36 -2.21 6.18 40.88
C ALA A 36 -3.34 5.80 41.82
N ALA A 37 -3.57 6.63 42.84
CA ALA A 37 -4.56 6.32 43.87
C ALA A 37 -5.57 7.45 44.06
N MET A 38 -5.80 8.24 43.03
CA MET A 38 -6.75 9.34 43.13
C MET A 38 -8.18 8.89 42.86
N SER A 39 -9.13 9.58 43.48
CA SER A 39 -10.53 9.23 43.34
C SER A 39 -11.42 10.46 43.55
N LEU A 40 -12.64 10.39 43.04
CA LEU A 40 -13.58 11.49 43.15
C LEU A 40 -14.31 11.46 44.49
N ILE A 47 -11.52 15.09 43.67
CA ILE A 47 -10.07 15.02 43.65
C ILE A 47 -9.48 14.81 45.04
N GLN A 48 -9.06 13.57 45.32
CA GLN A 48 -8.43 13.23 46.58
C GLN A 48 -7.43 12.10 46.39
N GLY A 49 -6.61 11.85 47.40
CA GLY A 49 -5.63 10.79 47.35
C GLY A 49 -4.44 11.15 46.49
N TYR A 50 -4.30 12.44 46.20
CA TYR A 50 -3.20 12.92 45.39
C TYR A 50 -1.93 13.06 46.22
N ASP A 51 -0.78 13.10 45.55
CA ASP A 51 0.50 13.27 46.23
C ASP A 51 0.93 14.73 46.20
N SER A 52 0.61 15.42 45.11
CA SER A 52 0.94 16.83 44.97
C SER A 52 -0.19 17.60 44.28
N LYS A 53 -0.29 18.88 44.59
CA LYS A 53 -1.33 19.73 44.01
C LYS A 53 -0.75 21.08 43.61
N VAL A 54 -1.16 21.58 42.45
CA VAL A 54 -0.71 22.88 41.97
C VAL A 54 -1.77 23.54 41.09
N GLU A 55 -1.97 24.84 41.30
CA GLU A 55 -2.99 25.57 40.56
C GLU A 55 -2.42 26.14 39.26
N LEU A 56 -3.27 26.23 38.25
CA LEU A 56 -2.85 26.72 36.93
C LEU A 56 -3.37 28.13 36.65
N GLN A 57 -2.47 29.01 36.25
CA GLN A 57 -2.84 30.39 35.94
C GLN A 57 -3.31 30.52 34.50
N PRO A 58 -4.56 30.95 34.30
CA PRO A 58 -5.15 31.11 32.97
C PRO A 58 -4.31 32.00 32.06
N GLU A 59 -3.94 31.48 30.90
CA GLU A 59 -3.15 32.23 29.93
C GLU A 59 -4.04 33.20 29.16
N SER A 60 -3.52 34.38 28.87
CA SER A 60 -4.27 35.41 28.15
C SER A 60 -3.84 35.48 26.68
N ALA A 61 -2.59 35.12 26.41
CA ALA A 61 -2.06 35.15 25.05
C ALA A 61 -2.46 33.88 24.29
N GLY A 62 -3.18 32.99 24.95
CA GLY A 62 -3.65 31.76 24.34
C GLY A 62 -2.52 30.83 23.95
N LEU A 63 -2.82 29.90 23.04
CA LEU A 63 -1.84 28.92 22.59
C LEU A 63 -0.91 29.52 21.53
N PRO A 64 0.39 29.18 21.61
CA PRO A 64 1.38 29.62 20.63
C PRO A 64 1.07 29.04 19.25
N GLU A 65 1.64 29.62 18.21
CA GLU A 65 1.42 29.14 16.85
C GLU A 65 1.96 27.72 16.65
N THR A 66 3.09 27.41 17.28
CA THR A 66 3.68 26.09 17.17
C THR A 66 2.74 25.00 17.64
N VAL A 67 2.02 25.27 18.72
CA VAL A 67 1.05 24.33 19.26
C VAL A 67 -0.13 24.15 18.31
N THR A 68 -0.72 25.27 17.88
CA THR A 68 -1.90 25.22 17.02
C THR A 68 -1.58 24.61 15.65
N GLN A 69 -0.36 24.81 15.17
CA GLN A 69 0.05 24.25 13.89
C GLN A 69 0.30 22.75 13.98
N LYS A 70 0.67 22.29 15.17
CA LYS A 70 0.91 20.87 15.39
C LYS A 70 -0.40 20.15 15.73
N PHE A 71 -1.28 20.84 16.46
CA PHE A 71 -2.59 20.27 16.82
C PHE A 71 -3.71 21.23 16.43
N PRO A 72 -3.98 21.34 15.13
CA PRO A 72 -4.99 22.29 14.63
C PRO A 72 -6.34 22.11 15.28
N PHE A 73 -6.69 20.87 15.60
CA PHE A 73 -8.03 20.54 16.10
C PHE A 73 -8.30 21.02 17.52
N ILE A 74 -7.33 21.72 18.12
CA ILE A 74 -7.52 22.26 19.47
C ILE A 74 -7.06 23.71 19.55
N SER A 75 -7.10 24.42 18.43
CA SER A 75 -6.65 25.80 18.37
C SER A 75 -7.66 26.75 19.04
N SER A 76 -8.74 26.20 19.55
CA SER A 76 -9.78 26.99 20.20
C SER A 76 -9.71 26.84 21.72
N TYR A 77 -9.06 25.77 22.15
CA TYR A 77 -8.94 25.45 23.58
C TYR A 77 -8.34 26.60 24.37
N ARG A 78 -8.80 26.76 25.61
CA ARG A 78 -8.23 27.75 26.51
C ARG A 78 -6.86 27.29 26.98
N ALA A 79 -5.98 28.25 27.25
CA ALA A 79 -4.62 27.93 27.68
C ALA A 79 -4.42 28.16 29.18
N PHE A 80 -3.66 27.27 29.80
CA PHE A 80 -3.31 27.39 31.21
C PHE A 80 -1.81 27.20 31.38
N ARG A 81 -1.21 27.99 32.27
CA ARG A 81 0.22 27.93 32.48
C ARG A 81 0.62 27.08 33.69
N VAL A 82 1.63 26.25 33.50
CA VAL A 82 2.16 25.42 34.58
C VAL A 82 3.34 26.14 35.22
N PRO A 83 3.24 26.40 36.54
CA PRO A 83 4.29 27.11 37.28
C PRO A 83 5.67 26.51 37.06
N SER A 84 6.71 27.32 37.30
CA SER A 84 8.09 26.86 37.16
C SER A 84 8.47 25.91 38.28
N SER A 85 7.87 26.11 39.45
CA SER A 85 8.15 25.27 40.62
C SER A 85 7.81 23.81 40.35
N VAL A 86 6.93 23.58 39.39
CA VAL A 86 6.48 22.24 39.05
C VAL A 86 7.54 21.44 38.29
N ASP A 87 7.88 20.27 38.83
CA ASP A 87 8.84 19.38 38.18
C ASP A 87 8.13 18.50 37.16
N VAL A 88 8.20 18.90 35.89
CA VAL A 88 7.45 18.23 34.83
C VAL A 88 7.91 16.79 34.58
N ALA A 89 9.23 16.59 34.53
CA ALA A 89 9.77 15.27 34.24
C ALA A 89 9.26 14.22 35.22
N SER A 90 9.00 14.62 36.46
CA SER A 90 8.54 13.71 37.49
C SER A 90 7.04 13.48 37.42
N LEU A 91 6.30 14.50 36.98
CA LEU A 91 4.84 14.43 36.96
C LEU A 91 4.32 13.53 35.83
N VAL A 92 4.98 13.58 34.67
CA VAL A 92 4.54 12.80 33.51
C VAL A 92 4.61 11.30 33.78
N LYS A 93 5.24 10.91 34.88
CA LYS A 93 5.34 9.51 35.26
C LYS A 93 4.17 9.11 36.16
N CYS A 94 3.55 10.10 36.79
CA CYS A 94 2.48 9.86 37.75
C CYS A 94 1.12 9.86 37.06
N GLN A 95 0.09 9.49 37.80
CA GLN A 95 -1.28 9.62 37.32
C GLN A 95 -1.68 11.09 37.45
N LEU A 96 -2.33 11.63 36.43
CA LEU A 96 -2.67 13.04 36.41
C LEU A 96 -4.12 13.30 36.00
N VAL A 97 -4.77 14.22 36.71
CA VAL A 97 -6.07 14.72 36.30
C VAL A 97 -6.11 16.23 36.47
N VAL A 98 -7.19 16.84 36.00
CA VAL A 98 -7.38 18.28 36.14
C VAL A 98 -8.84 18.54 36.46
N ALA A 99 -9.09 19.49 37.36
CA ALA A 99 -10.46 19.75 37.81
C ALA A 99 -10.82 21.24 37.76
N SER A 100 -12.11 21.52 37.64
CA SER A 100 -12.63 22.88 37.63
C SER A 100 -13.51 23.14 38.84
N PHE A 101 -13.72 24.41 39.16
CA PHE A 101 -14.56 24.78 40.29
C PHE A 101 -15.01 26.24 40.17
N ASP A 109 -16.02 19.51 37.15
CA ASP A 109 -15.62 18.63 36.06
C ASP A 109 -14.15 18.21 36.18
N VAL A 110 -13.91 16.91 36.08
CA VAL A 110 -12.55 16.38 36.19
C VAL A 110 -12.22 15.55 34.95
N THR A 111 -10.96 15.58 34.55
CA THR A 111 -10.51 14.82 33.38
C THR A 111 -9.01 14.59 33.39
N GLY A 112 -8.56 13.63 32.58
CA GLY A 112 -7.15 13.32 32.47
C GLY A 112 -6.47 14.11 31.38
N LEU A 113 -5.16 13.90 31.23
CA LEU A 113 -4.37 14.67 30.28
C LEU A 113 -3.75 13.80 29.18
N GLN A 114 -3.78 14.31 27.96
CA GLN A 114 -3.06 13.68 26.86
C GLN A 114 -1.69 14.32 26.77
N LEU A 115 -0.65 13.50 26.80
CA LEU A 115 0.71 13.99 27.00
C LEU A 115 1.62 14.16 25.78
N PRO A 116 1.29 13.52 24.63
CA PRO A 116 2.21 13.57 23.50
C PRO A 116 2.87 14.94 23.31
N GLY A 117 2.08 16.01 23.46
CA GLY A 117 2.59 17.35 23.30
C GLY A 117 3.83 17.62 24.13
N VAL A 118 3.68 17.51 25.44
CA VAL A 118 4.78 17.82 26.36
C VAL A 118 5.91 16.80 26.25
N LEU A 119 5.56 15.54 25.99
CA LEU A 119 6.57 14.51 25.84
C LEU A 119 7.55 14.87 24.72
N ASP A 120 7.03 15.37 23.62
CA ASP A 120 7.87 15.81 22.49
C ASP A 120 8.64 17.07 22.86
N ASP A 121 7.96 17.99 23.54
CA ASP A 121 8.55 19.26 23.90
C ASP A 121 9.79 19.08 24.75
N MET A 122 9.78 18.07 25.61
CA MET A 122 10.86 17.88 26.58
C MET A 122 11.77 16.69 26.30
N PHE A 123 11.24 15.66 25.65
CA PHE A 123 11.95 14.40 25.53
C PHE A 123 12.23 13.93 24.10
N ALA A 124 12.01 14.80 23.12
CA ALA A 124 12.33 14.46 21.73
C ALA A 124 13.76 13.98 21.67
N TYR A 125 13.95 12.76 21.18
CA TYR A 125 15.25 12.09 21.26
C TYR A 125 15.72 11.66 19.87
N THR A 126 16.99 11.88 19.58
CA THR A 126 17.56 11.53 18.29
C THR A 126 18.77 10.61 18.43
N GLY A 127 19.10 10.28 19.68
CA GLY A 127 20.23 9.41 19.95
C GLY A 127 19.93 7.95 19.63
N PRO A 128 20.92 7.08 19.78
CA PRO A 128 20.80 5.65 19.50
C PRO A 128 19.61 5.00 20.22
N LEU A 129 18.80 4.25 19.50
CA LEU A 129 17.71 3.49 20.09
C LEU A 129 17.84 2.01 19.73
N GLY A 130 17.34 1.14 20.59
CA GLY A 130 17.46 -0.28 20.38
C GLY A 130 18.80 -0.80 20.84
N ALA A 131 19.34 -1.79 20.14
CA ALA A 131 20.61 -2.40 20.54
C ALA A 131 21.79 -1.89 19.71
N VAL A 132 22.83 -1.44 20.40
CA VAL A 132 24.06 -0.99 19.77
C VAL A 132 25.22 -1.93 20.10
N PHE A 133 26.04 -2.25 19.11
CA PHE A 133 27.14 -3.20 19.29
C PHE A 133 28.52 -2.56 19.13
N SER A 134 29.44 -2.94 20.01
CA SER A 134 30.84 -2.52 19.90
C SER A 134 31.73 -3.74 20.11
N GLU A 135 32.98 -3.64 19.65
CA GLU A 135 33.91 -4.76 19.75
C GLU A 135 34.06 -5.25 21.20
N ASP A 136 33.65 -4.41 22.15
CA ASP A 136 33.84 -4.73 23.56
C ASP A 136 32.54 -4.87 24.35
N SER A 137 31.44 -4.37 23.81
CA SER A 137 30.20 -4.36 24.58
C SER A 137 28.91 -4.37 23.74
N VAL A 138 27.78 -4.37 24.44
CA VAL A 138 26.46 -4.29 23.83
C VAL A 138 25.58 -3.40 24.69
N SER A 139 24.87 -2.46 24.07
CA SER A 139 24.06 -1.51 24.81
C SER A 139 22.60 -1.50 24.35
N LEU A 140 21.70 -1.23 25.29
CA LEU A 140 20.27 -1.16 24.99
C LEU A 140 19.72 0.22 25.33
N HIS A 141 18.81 0.71 24.49
CA HIS A 141 18.23 2.04 24.67
C HIS A 141 16.74 2.02 24.38
N LEU A 142 15.94 2.51 25.32
CA LEU A 142 14.49 2.52 25.18
C LEU A 142 13.88 3.87 25.55
N TRP A 143 13.09 4.42 24.64
CA TRP A 143 12.39 5.68 24.91
C TRP A 143 11.09 5.43 25.68
N ALA A 144 11.07 5.80 26.96
CA ALA A 144 9.90 5.62 27.80
C ALA A 144 9.84 6.68 28.89
N PRO A 145 9.55 7.93 28.50
CA PRO A 145 9.58 9.10 29.39
C PRO A 145 8.58 9.00 30.53
N THR A 146 7.46 8.31 30.32
CA THR A 146 6.44 8.21 31.36
C THR A 146 6.68 7.04 32.31
N ALA A 147 7.53 6.10 31.91
CA ALA A 147 7.82 4.92 32.73
C ALA A 147 8.46 5.26 34.06
N GLN A 148 8.10 4.52 35.10
CA GLN A 148 8.66 4.72 36.43
C GLN A 148 9.88 3.85 36.64
N GLY A 149 9.98 2.77 35.86
CA GLY A 149 11.11 1.88 35.93
C GLY A 149 11.17 0.94 34.75
N VAL A 150 12.37 0.73 34.22
CA VAL A 150 12.56 -0.21 33.13
C VAL A 150 13.73 -1.15 33.43
N SER A 151 13.51 -2.43 33.20
CA SER A 151 14.55 -3.44 33.35
C SER A 151 14.55 -4.35 32.14
N VAL A 152 15.59 -5.17 32.01
CA VAL A 152 15.65 -6.13 30.92
C VAL A 152 15.80 -7.54 31.45
N CYS A 153 14.91 -8.43 31.04
CA CYS A 153 15.02 -9.84 31.35
C CYS A 153 15.76 -10.54 30.21
N PHE A 154 16.77 -11.32 30.54
CA PHE A 154 17.51 -12.07 29.53
C PHE A 154 17.16 -13.56 29.56
N PHE A 155 17.03 -14.15 28.37
CA PHE A 155 16.81 -15.57 28.23
C PHE A 155 17.90 -16.17 27.35
N ASP A 156 18.18 -17.46 27.53
CA ASP A 156 19.27 -18.09 26.78
C ASP A 156 18.77 -18.63 25.45
N GLY A 157 17.47 -18.90 25.36
CA GLY A 157 16.87 -19.40 24.15
C GLY A 157 15.49 -18.82 23.91
N PRO A 158 14.82 -19.28 22.84
CA PRO A 158 13.48 -18.79 22.49
C PRO A 158 12.44 -19.18 23.54
N ALA A 159 12.68 -20.28 24.25
CA ALA A 159 11.71 -20.78 25.23
C ALA A 159 12.33 -21.08 26.60
N GLY A 160 13.62 -20.79 26.74
CA GLY A 160 14.29 -21.00 28.02
C GLY A 160 13.79 -20.08 29.11
N PRO A 161 14.06 -20.43 30.37
CA PRO A 161 13.68 -19.62 31.53
C PRO A 161 14.52 -18.35 31.62
N ALA A 162 14.07 -17.38 32.40
CA ALA A 162 14.81 -16.15 32.61
C ALA A 162 16.13 -16.42 33.34
N LEU A 163 17.23 -15.92 32.79
CA LEU A 163 18.55 -16.15 33.38
C LEU A 163 18.97 -14.99 34.27
N GLU A 164 18.57 -13.78 33.92
CA GLU A 164 19.10 -12.59 34.56
C GLU A 164 18.18 -11.39 34.35
N THR A 165 18.11 -10.52 35.34
CA THR A 165 17.39 -9.26 35.23
C THR A 165 18.32 -8.10 35.53
N VAL A 166 18.35 -7.12 34.64
CA VAL A 166 19.24 -5.97 34.80
C VAL A 166 18.44 -4.66 34.76
N GLN A 167 18.73 -3.78 35.72
CA GLN A 167 18.08 -2.47 35.76
C GLN A 167 18.67 -1.52 34.72
N LEU A 168 17.83 -0.66 34.17
CA LEU A 168 18.28 0.36 33.24
C LEU A 168 18.21 1.74 33.90
N LYS A 169 19.16 2.60 33.57
CA LYS A 169 19.15 3.97 34.08
C LYS A 169 18.50 4.91 33.09
N GLU A 170 17.65 5.81 33.61
CA GLU A 170 16.96 6.76 32.75
C GLU A 170 17.74 8.08 32.64
N SER A 171 17.93 8.52 31.41
CA SER A 171 18.58 9.80 31.13
C SER A 171 17.77 10.56 30.10
N ASN A 172 16.97 11.52 30.57
CA ASN A 172 16.10 12.30 29.69
C ASN A 172 15.04 11.43 29.01
N GLY A 173 14.31 10.66 29.82
CA GLY A 173 13.23 9.84 29.30
C GLY A 173 13.70 8.65 28.49
N VAL A 174 15.02 8.49 28.39
CA VAL A 174 15.59 7.36 27.67
C VAL A 174 16.34 6.44 28.62
N TRP A 175 15.95 5.17 28.64
CA TRP A 175 16.55 4.20 29.54
C TRP A 175 17.66 3.43 28.82
N SER A 176 18.80 3.30 29.48
CA SER A 176 19.96 2.66 28.89
C SER A 176 20.68 1.72 29.86
N VAL A 177 21.45 0.80 29.29
CA VAL A 177 22.34 -0.06 30.05
C VAL A 177 23.35 -0.67 29.09
N THR A 178 24.56 -0.92 29.58
CA THR A 178 25.61 -1.49 28.74
C THR A 178 26.14 -2.77 29.38
N GLY A 179 26.43 -3.77 28.55
CA GLY A 179 26.91 -5.05 29.05
C GLY A 179 28.03 -5.63 28.20
N PRO A 180 28.60 -6.76 28.66
CA PRO A 180 29.67 -7.45 27.94
C PRO A 180 29.19 -7.88 26.56
N ARG A 181 30.11 -8.17 25.66
CA ARG A 181 29.73 -8.55 24.31
C ARG A 181 29.09 -9.94 24.29
N GLU A 182 29.19 -10.65 25.41
CA GLU A 182 28.58 -11.97 25.51
C GLU A 182 27.05 -11.88 25.53
N TRP A 183 26.53 -10.66 25.62
CA TRP A 183 25.09 -10.43 25.56
C TRP A 183 24.53 -10.76 24.19
N GLU A 184 25.38 -10.70 23.18
CA GLU A 184 24.98 -10.97 21.80
C GLU A 184 24.33 -12.34 21.67
N ASN A 185 23.24 -12.40 20.89
CA ASN A 185 22.52 -13.64 20.62
C ASN A 185 21.62 -14.10 21.77
N ARG A 186 21.61 -13.33 22.84
CA ARG A 186 20.65 -13.57 23.92
C ARG A 186 19.26 -13.14 23.48
N TYR A 187 18.24 -13.74 24.08
CA TYR A 187 16.88 -13.27 23.89
C TYR A 187 16.51 -12.39 25.07
N TYR A 188 15.65 -11.40 24.84
CA TYR A 188 15.29 -10.50 25.92
C TYR A 188 13.92 -9.84 25.77
N LEU A 189 13.42 -9.32 26.89
CA LEU A 189 12.20 -8.52 26.91
C LEU A 189 12.39 -7.38 27.88
N TYR A 190 11.73 -6.26 27.62
CA TYR A 190 11.76 -5.15 28.56
C TYR A 190 10.63 -5.35 29.57
N GLU A 191 10.89 -5.01 30.82
CA GLU A 191 9.88 -5.02 31.85
C GLU A 191 9.59 -3.58 32.24
N VAL A 192 8.51 -3.02 31.69
CA VAL A 192 8.22 -1.60 31.84
C VAL A 192 7.19 -1.32 32.92
N ASP A 193 7.48 -0.32 33.74
CA ASP A 193 6.63 0.05 34.86
C ASP A 193 5.93 1.37 34.56
N VAL A 194 4.77 1.30 33.92
CA VAL A 194 4.08 2.51 33.46
C VAL A 194 2.62 2.58 33.89
N TYR A 195 2.10 3.81 33.91
CA TYR A 195 0.69 4.04 34.15
C TYR A 195 -0.09 3.90 32.85
N HIS A 196 -1.10 3.04 32.86
CA HIS A 196 -1.97 2.86 31.70
C HIS A 196 -3.32 3.54 31.93
N PRO A 197 -3.68 4.47 31.05
CA PRO A 197 -4.95 5.21 31.14
C PRO A 197 -6.15 4.29 31.08
N THR A 198 -6.09 3.26 30.25
CA THR A 198 -7.22 2.36 30.03
C THR A 198 -7.52 1.49 31.26
N LYS A 199 -6.58 1.43 32.20
CA LYS A 199 -6.76 0.62 33.40
C LYS A 199 -6.65 1.47 34.66
N ALA A 200 -6.22 2.72 34.49
CA ALA A 200 -6.01 3.61 35.62
C ALA A 200 -5.12 2.97 36.68
N GLN A 201 -4.09 2.26 36.22
CA GLN A 201 -3.18 1.57 37.12
C GLN A 201 -1.73 1.65 36.63
N VAL A 202 -0.80 1.57 37.56
CA VAL A 202 0.61 1.46 37.23
C VAL A 202 0.96 -0.02 37.12
N LEU A 203 1.03 -0.50 35.88
CA LEU A 203 1.25 -1.93 35.64
C LEU A 203 2.68 -2.24 35.21
N LYS A 204 3.14 -3.44 35.54
CA LYS A 204 4.49 -3.87 35.18
C LYS A 204 4.44 -4.90 34.06
N CYS A 205 4.46 -4.42 32.82
CA CYS A 205 4.29 -5.31 31.66
C CYS A 205 5.61 -5.67 30.98
N LEU A 206 5.62 -6.84 30.33
CA LEU A 206 6.75 -7.27 29.52
C LEU A 206 6.52 -6.89 28.07
N ALA A 207 7.50 -6.27 27.44
CA ALA A 207 7.35 -5.81 26.06
C ALA A 207 8.61 -5.99 25.24
N GLY A 208 8.43 -6.27 23.96
CA GLY A 208 9.55 -6.38 23.04
C GLY A 208 10.12 -5.02 22.70
N ASP A 209 11.23 -5.01 21.97
CA ASP A 209 11.90 -3.78 21.60
C ASP A 209 11.33 -3.24 20.29
N PRO A 210 10.83 -1.99 20.31
CA PRO A 210 10.28 -1.35 19.11
C PRO A 210 11.30 -1.32 17.97
N TYR A 211 12.57 -1.31 18.32
CA TYR A 211 13.64 -1.30 17.32
C TYR A 211 14.26 -2.69 17.16
N ALA A 212 13.48 -3.72 17.48
CA ALA A 212 13.92 -5.10 17.32
C ALA A 212 14.36 -5.38 15.89
N ARG A 213 15.39 -6.20 15.75
CA ARG A 213 15.85 -6.61 14.42
C ARG A 213 15.55 -8.07 14.15
N SER A 214 15.26 -8.83 15.20
CA SER A 214 14.74 -10.18 15.04
C SER A 214 13.96 -10.62 16.27
N LEU A 215 13.13 -11.65 16.09
CA LEU A 215 12.26 -12.12 17.16
C LEU A 215 12.20 -13.64 17.18
N SER A 216 11.82 -14.19 18.34
CA SER A 216 11.47 -15.60 18.42
C SER A 216 10.08 -15.75 17.83
N ALA A 217 9.60 -16.98 17.73
CA ALA A 217 8.29 -17.25 17.14
C ALA A 217 7.22 -16.35 17.74
N ASN A 218 6.40 -15.76 16.86
CA ASN A 218 5.30 -14.89 17.27
C ASN A 218 5.73 -13.63 18.03
N GLY A 219 7.04 -13.34 17.99
CA GLY A 219 7.57 -12.16 18.64
C GLY A 219 7.45 -12.20 20.15
N ALA A 220 7.38 -13.41 20.71
CA ALA A 220 7.28 -13.57 22.15
C ALA A 220 8.51 -12.99 22.85
N ARG A 221 9.65 -13.05 22.17
CA ARG A 221 10.89 -12.50 22.70
C ARG A 221 11.69 -11.80 21.61
N THR A 222 12.57 -10.88 22.02
CA THR A 222 13.43 -10.18 21.08
C THR A 222 14.81 -10.82 21.04
N TRP A 223 15.33 -11.04 19.83
CA TRP A 223 16.63 -11.66 19.66
C TRP A 223 17.72 -10.61 19.50
N LEU A 224 18.64 -10.57 20.46
CA LEU A 224 19.70 -9.55 20.48
C LEU A 224 20.78 -9.85 19.44
N VAL A 225 20.40 -9.78 18.17
CA VAL A 225 21.30 -10.12 17.08
C VAL A 225 21.91 -8.89 16.43
N ASP A 226 23.13 -9.04 15.92
CA ASP A 226 23.79 -7.97 15.17
C ASP A 226 23.42 -8.09 13.70
N ILE A 227 22.66 -7.12 13.20
CA ILE A 227 22.15 -7.19 11.83
C ILE A 227 23.26 -7.13 10.79
N ASN A 228 24.43 -6.67 11.20
CA ASN A 228 25.58 -6.58 10.29
C ASN A 228 26.49 -7.81 10.35
N ASN A 229 26.13 -8.77 11.19
CA ASN A 229 26.88 -10.01 11.29
C ASN A 229 27.02 -10.68 9.92
N GLU A 230 28.24 -11.06 9.57
CA GLU A 230 28.52 -11.68 8.28
C GLU A 230 27.74 -12.97 8.03
N THR A 231 27.35 -13.66 9.11
CA THR A 231 26.67 -14.94 8.97
C THR A 231 25.21 -14.76 8.57
N LEU A 232 24.74 -13.52 8.53
CA LEU A 232 23.37 -13.22 8.16
C LEU A 232 23.28 -12.77 6.71
N LYS A 233 24.41 -12.82 6.01
CA LYS A 233 24.48 -12.34 4.64
C LYS A 233 24.61 -13.49 3.64
N PRO A 234 23.71 -13.52 2.65
CA PRO A 234 23.83 -14.50 1.57
C PRO A 234 25.13 -14.26 0.81
N ALA A 235 25.60 -15.27 0.09
CA ALA A 235 26.79 -15.12 -0.74
C ALA A 235 26.63 -13.95 -1.69
N SER A 236 27.62 -13.07 -1.72
CA SER A 236 27.63 -11.91 -2.63
C SER A 236 26.64 -10.82 -2.23
N TRP A 237 26.15 -10.87 -0.99
CA TRP A 237 25.16 -9.90 -0.53
C TRP A 237 25.64 -8.45 -0.69
N ASP A 238 26.90 -8.20 -0.36
CA ASP A 238 27.45 -6.84 -0.43
C ASP A 238 27.72 -6.38 -1.86
N GLU A 239 27.52 -7.28 -2.82
CA GLU A 239 27.70 -6.95 -4.23
C GLU A 239 26.37 -6.78 -4.93
N LEU A 240 25.28 -6.75 -4.16
CA LEU A 240 23.94 -6.67 -4.72
C LEU A 240 23.69 -5.35 -5.45
N ALA A 241 24.26 -4.26 -4.93
CA ALA A 241 24.11 -2.96 -5.56
C ALA A 241 24.58 -3.00 -7.02
N ASP A 242 25.63 -3.78 -7.27
CA ASP A 242 26.18 -3.91 -8.62
C ASP A 242 25.32 -4.82 -9.49
N GLU A 243 24.58 -5.73 -8.86
CA GLU A 243 23.78 -6.71 -9.58
C GLU A 243 22.34 -6.25 -9.80
N LYS A 244 21.94 -5.15 -9.16
CA LYS A 244 20.57 -4.68 -9.29
C LYS A 244 20.25 -4.24 -10.71
N PRO A 245 19.02 -4.51 -11.16
CA PRO A 245 18.53 -4.11 -12.49
C PRO A 245 18.63 -2.60 -12.65
N LYS A 246 19.11 -2.15 -13.81
CA LYS A 246 19.28 -0.71 -14.03
C LYS A 246 17.93 -0.01 -14.12
N LEU A 247 17.92 1.26 -13.73
CA LEU A 247 16.71 2.07 -13.75
C LEU A 247 17.05 3.51 -14.09
N ASP A 248 16.90 3.88 -15.36
CA ASP A 248 17.25 5.22 -15.82
C ASP A 248 16.34 6.28 -15.21
N SER A 249 15.05 6.00 -15.16
CA SER A 249 14.07 6.96 -14.68
C SER A 249 12.93 6.26 -13.98
N PHE A 250 12.28 6.95 -13.05
CA PHE A 250 11.09 6.43 -12.39
C PHE A 250 9.98 6.25 -13.42
N SER A 251 10.10 6.93 -14.55
CA SER A 251 9.11 6.87 -15.61
C SER A 251 9.09 5.49 -16.26
N ASP A 252 10.13 4.70 -16.02
CA ASP A 252 10.25 3.39 -16.64
C ASP A 252 9.60 2.31 -15.79
N ILE A 253 9.11 2.69 -14.62
CA ILE A 253 8.58 1.72 -13.64
C ILE A 253 7.25 1.09 -14.04
N THR A 254 7.18 -0.23 -13.85
CA THR A 254 5.91 -0.95 -13.89
C THR A 254 5.82 -1.81 -12.62
N ILE A 255 4.61 -1.93 -12.07
CA ILE A 255 4.44 -2.59 -10.78
C ILE A 255 3.55 -3.83 -10.86
N TYR A 256 3.95 -4.88 -10.15
CA TYR A 256 3.24 -6.16 -10.15
C TYR A 256 3.00 -6.57 -8.69
N GLU A 257 1.75 -6.48 -8.24
CA GLU A 257 1.40 -6.68 -6.84
C GLU A 257 1.16 -8.15 -6.50
N LEU A 258 1.99 -8.69 -5.61
CA LEU A 258 2.00 -10.13 -5.34
C LEU A 258 1.99 -10.45 -3.85
N HIS A 259 1.27 -11.50 -3.47
CA HIS A 259 1.25 -11.97 -2.09
C HIS A 259 2.20 -13.14 -1.91
N ILE A 260 3.06 -13.04 -0.91
CA ILE A 260 4.14 -14.02 -0.69
C ILE A 260 3.65 -15.47 -0.64
N ARG A 261 2.56 -15.72 0.08
CA ARG A 261 2.04 -17.07 0.15
C ARG A 261 1.32 -17.48 -1.13
N ASP A 262 0.49 -16.58 -1.66
CA ASP A 262 -0.21 -16.85 -2.92
C ASP A 262 0.75 -17.33 -4.01
N PHE A 263 1.98 -16.86 -3.94
CA PHE A 263 2.97 -17.13 -4.98
C PHE A 263 3.31 -18.62 -5.15
N SER A 264 3.51 -19.32 -4.04
CA SER A 264 3.99 -20.70 -4.11
C SER A 264 3.17 -21.73 -3.34
N ALA A 265 2.13 -21.28 -2.66
CA ALA A 265 1.31 -22.18 -1.85
C ALA A 265 0.83 -23.40 -2.64
N HIS A 266 0.48 -23.18 -3.91
CA HIS A 266 -0.05 -24.24 -4.75
C HIS A 266 0.94 -24.68 -5.83
N ASP A 267 2.20 -24.27 -5.71
CA ASP A 267 3.18 -24.56 -6.75
C ASP A 267 3.86 -25.92 -6.56
N GLY A 268 3.41 -26.89 -7.34
CA GLY A 268 3.90 -28.25 -7.22
C GLY A 268 5.36 -28.44 -7.60
N THR A 269 5.91 -27.47 -8.33
CA THR A 269 7.30 -27.55 -8.78
C THR A 269 8.26 -27.18 -7.65
N VAL A 270 7.72 -26.58 -6.59
CA VAL A 270 8.47 -26.31 -5.37
C VAL A 270 8.10 -27.37 -4.34
N ASP A 271 9.11 -28.02 -3.76
CA ASP A 271 8.85 -29.11 -2.82
C ASP A 271 7.98 -28.64 -1.66
N SER A 272 7.12 -29.53 -1.18
CA SER A 272 6.06 -29.20 -0.22
C SER A 272 6.53 -28.33 0.94
N ASP A 273 7.65 -28.69 1.56
CA ASP A 273 8.12 -28.01 2.76
C ASP A 273 8.49 -26.55 2.53
N SER A 274 9.01 -26.23 1.35
CA SER A 274 9.53 -24.89 1.07
C SER A 274 8.51 -23.98 0.39
N ARG A 275 7.24 -24.35 0.46
CA ARG A 275 6.20 -23.56 -0.21
C ARG A 275 5.55 -22.54 0.73
N GLY A 276 5.23 -21.37 0.19
CA GLY A 276 4.42 -20.40 0.90
C GLY A 276 5.18 -19.29 1.62
N GLY A 277 6.50 -19.34 1.56
CA GLY A 277 7.33 -18.39 2.28
C GLY A 277 8.43 -17.76 1.46
N PHE A 278 9.41 -17.17 2.13
CA PHE A 278 10.51 -16.47 1.46
C PHE A 278 11.32 -17.41 0.58
N ARG A 279 11.58 -18.60 1.09
CA ARG A 279 12.48 -19.55 0.45
C ARG A 279 12.04 -19.94 -0.96
N ALA A 280 10.73 -19.93 -1.20
CA ALA A 280 10.18 -20.32 -2.48
C ALA A 280 10.78 -19.52 -3.64
N PHE A 281 11.18 -18.28 -3.36
CA PHE A 281 11.74 -17.41 -4.40
C PHE A 281 13.14 -17.82 -4.82
N ALA A 282 13.79 -18.64 -3.99
CA ALA A 282 15.13 -19.15 -4.31
C ALA A 282 15.06 -20.26 -5.36
N TYR A 283 13.84 -20.77 -5.58
CA TYR A 283 13.61 -21.80 -6.59
C TYR A 283 13.53 -21.19 -7.98
N GLN A 284 14.70 -20.90 -8.54
CA GLN A 284 14.84 -20.26 -9.85
C GLN A 284 14.00 -20.89 -10.95
N ALA A 285 13.98 -22.22 -11.00
CA ALA A 285 13.41 -22.94 -12.12
C ALA A 285 11.95 -23.34 -11.91
N SER A 286 11.33 -22.83 -10.85
CA SER A 286 9.94 -23.15 -10.56
C SER A 286 9.00 -22.49 -11.55
N ALA A 287 7.78 -22.99 -11.63
CA ALA A 287 6.77 -22.43 -12.52
C ALA A 287 6.52 -20.98 -12.17
N GLY A 288 6.40 -20.70 -10.87
CA GLY A 288 6.15 -19.36 -10.39
C GLY A 288 7.25 -18.37 -10.77
N MET A 289 8.49 -18.78 -10.58
CA MET A 289 9.62 -17.91 -10.88
C MET A 289 9.77 -17.73 -12.39
N GLU A 290 9.59 -18.81 -13.14
CA GLU A 290 9.63 -18.74 -14.59
C GLU A 290 8.57 -17.76 -15.11
N HIS A 291 7.49 -17.63 -14.35
CA HIS A 291 6.42 -16.69 -14.70
C HIS A 291 6.88 -15.25 -14.49
N LEU A 292 7.50 -14.99 -13.35
CA LEU A 292 8.01 -13.66 -13.04
C LEU A 292 9.13 -13.27 -14.02
N ARG A 293 9.97 -14.26 -14.35
CA ARG A 293 11.05 -14.04 -15.30
C ARG A 293 10.49 -13.67 -16.68
N LYS A 294 9.37 -14.29 -17.05
CA LYS A 294 8.73 -13.99 -18.33
C LYS A 294 8.21 -12.56 -18.41
N LEU A 295 7.55 -12.10 -17.35
CA LEU A 295 7.05 -10.74 -17.27
C LEU A 295 8.21 -9.75 -17.18
N SER A 296 9.26 -10.17 -16.48
CA SER A 296 10.46 -9.34 -16.32
C SER A 296 11.13 -9.10 -17.66
N ASP A 297 11.37 -10.18 -18.40
CA ASP A 297 11.98 -10.06 -19.73
C ASP A 297 11.12 -9.23 -20.67
N ALA A 298 9.82 -9.21 -20.40
CA ALA A 298 8.89 -8.44 -21.21
C ALA A 298 9.03 -6.95 -20.95
N GLY A 299 9.48 -6.60 -19.75
CA GLY A 299 9.71 -5.21 -19.39
C GLY A 299 9.29 -4.80 -17.98
N LEU A 300 8.60 -5.70 -17.28
CA LEU A 300 8.18 -5.43 -15.91
C LEU A 300 9.38 -5.15 -15.01
N THR A 301 9.36 -4.02 -14.30
CA THR A 301 10.51 -3.57 -13.53
C THR A 301 10.44 -3.93 -12.04
N HIS A 302 9.27 -3.72 -11.43
CA HIS A 302 9.14 -3.87 -9.99
C HIS A 302 8.10 -4.90 -9.58
N VAL A 303 8.37 -5.57 -8.46
CA VAL A 303 7.40 -6.48 -7.85
C VAL A 303 7.08 -5.98 -6.43
N HIS A 304 5.79 -5.76 -6.19
CA HIS A 304 5.31 -5.21 -4.92
C HIS A 304 4.75 -6.34 -4.06
N LEU A 305 5.45 -6.66 -2.98
CA LEU A 305 5.05 -7.74 -2.10
C LEU A 305 4.14 -7.24 -0.98
N LEU A 306 3.09 -8.01 -0.69
CA LEU A 306 2.21 -7.66 0.43
C LEU A 306 2.96 -7.83 1.75
N PRO A 307 2.46 -7.16 2.81
CA PRO A 307 3.17 -7.05 4.09
C PRO A 307 3.99 -8.28 4.48
N SER A 308 5.29 -8.07 4.69
CA SER A 308 6.21 -9.14 5.02
C SER A 308 6.96 -8.87 6.32
N PHE A 309 6.50 -7.87 7.07
CA PHE A 309 7.04 -7.60 8.40
C PHE A 309 6.25 -8.40 9.43
N HIS A 310 6.57 -8.21 10.71
CA HIS A 310 5.93 -8.96 11.77
C HIS A 310 4.52 -8.48 12.09
N PHE A 311 3.53 -9.22 11.59
CA PHE A 311 2.12 -8.88 11.79
C PHE A 311 1.39 -10.00 12.51
N ALA A 312 0.25 -9.67 13.12
CA ALA A 312 -0.60 -10.66 13.77
C ALA A 312 -1.58 -11.27 12.77
N GLY A 313 -2.14 -12.42 13.10
CA GLY A 313 -3.12 -13.06 12.25
C GLY A 313 -2.69 -14.41 11.74
N VAL A 314 -1.37 -14.64 11.72
CA VAL A 314 -0.83 -15.94 11.33
C VAL A 314 0.20 -16.41 12.36
N ASP A 315 -0.01 -17.61 12.88
CA ASP A 315 0.92 -18.19 13.86
C ASP A 315 2.24 -18.55 13.19
N ASP A 316 3.35 -18.18 13.84
CA ASP A 316 4.67 -18.48 13.32
C ASP A 316 5.03 -19.95 13.49
N ILE A 317 4.24 -20.67 14.28
CA ILE A 317 4.50 -22.07 14.57
C ILE A 317 3.68 -22.97 13.66
N LYS A 318 4.33 -23.50 12.63
CA LYS A 318 3.67 -24.26 11.57
C LYS A 318 2.89 -25.49 12.07
N SER A 319 3.29 -26.03 13.21
CA SER A 319 2.61 -27.20 13.76
C SER A 319 1.20 -26.87 14.23
N ASN A 320 0.89 -25.58 14.33
CA ASN A 320 -0.43 -25.13 14.74
C ASN A 320 -1.36 -24.87 13.56
N TRP A 321 -0.79 -24.86 12.36
CA TRP A 321 -1.57 -24.58 11.15
C TRP A 321 -2.61 -25.66 10.85
N LYS A 322 -3.76 -25.24 10.33
CA LYS A 322 -4.82 -26.16 9.95
C LYS A 322 -5.26 -25.92 8.51
N PHE A 323 -5.71 -26.99 7.86
CA PHE A 323 -6.06 -26.93 6.44
C PHE A 323 -7.43 -27.53 6.16
N VAL A 324 -7.98 -27.20 4.99
CA VAL A 324 -9.21 -27.81 4.52
C VAL A 324 -8.86 -28.94 3.54
N ASP A 325 -9.80 -29.84 3.31
CA ASP A 325 -9.58 -30.93 2.37
C ASP A 325 -9.75 -30.44 0.94
N GLU A 326 -8.64 -30.05 0.33
CA GLU A 326 -8.66 -29.48 -1.02
C GLU A 326 -9.29 -30.43 -2.03
N CYS A 327 -9.20 -31.73 -1.76
CA CYS A 327 -9.75 -32.74 -2.67
C CYS A 327 -11.27 -32.86 -2.51
N GLU A 328 -11.74 -32.76 -1.27
CA GLU A 328 -13.17 -32.84 -1.01
C GLU A 328 -13.90 -31.60 -1.52
N LEU A 329 -13.42 -30.43 -1.13
CA LEU A 329 -14.03 -29.17 -1.57
C LEU A 329 -14.09 -29.08 -3.09
N ALA A 330 -13.18 -29.79 -3.76
CA ALA A 330 -13.14 -29.80 -5.21
C ALA A 330 -14.32 -30.56 -5.81
N THR A 331 -15.01 -31.34 -4.98
CA THR A 331 -16.16 -32.11 -5.42
C THR A 331 -17.48 -31.36 -5.23
N PHE A 332 -17.48 -30.34 -4.37
CA PHE A 332 -18.69 -29.56 -4.12
C PHE A 332 -19.08 -28.77 -5.36
N PRO A 333 -20.38 -28.43 -5.47
CA PRO A 333 -20.90 -27.66 -6.62
C PRO A 333 -20.27 -26.27 -6.71
N PRO A 334 -20.15 -25.72 -7.93
CA PRO A 334 -19.50 -24.44 -8.21
C PRO A 334 -20.14 -23.26 -7.47
N GLY A 335 -21.46 -23.34 -7.23
CA GLY A 335 -22.16 -22.26 -6.57
C GLY A 335 -22.63 -22.64 -5.18
N SER A 336 -21.97 -23.62 -4.59
CA SER A 336 -22.31 -24.08 -3.24
C SER A 336 -21.78 -23.12 -2.19
N ASP A 337 -22.29 -23.23 -0.97
CA ASP A 337 -21.83 -22.41 0.13
C ASP A 337 -21.01 -23.25 1.11
N MET A 338 -20.67 -24.47 0.68
CA MET A 338 -19.97 -25.40 1.55
C MET A 338 -18.47 -25.12 1.62
N GLN A 339 -17.89 -24.70 0.49
CA GLN A 339 -16.48 -24.35 0.46
C GLN A 339 -16.17 -23.29 1.51
N GLN A 340 -16.85 -22.16 1.43
CA GLN A 340 -16.59 -21.02 2.33
C GLN A 340 -16.86 -21.38 3.79
N ALA A 341 -17.89 -22.18 4.03
CA ALA A 341 -18.20 -22.61 5.39
C ALA A 341 -17.03 -23.41 5.97
N ALA A 342 -16.36 -24.16 5.11
CA ALA A 342 -15.23 -24.98 5.54
C ALA A 342 -13.98 -24.13 5.78
N VAL A 343 -13.73 -23.18 4.89
CA VAL A 343 -12.59 -22.29 5.02
C VAL A 343 -12.74 -21.37 6.23
N VAL A 344 -13.93 -20.80 6.39
CA VAL A 344 -14.22 -19.92 7.52
C VAL A 344 -14.02 -20.64 8.84
N ALA A 345 -14.34 -21.94 8.85
CA ALA A 345 -14.25 -22.73 10.07
C ALA A 345 -12.84 -22.78 10.64
N ILE A 346 -11.84 -22.63 9.77
CA ILE A 346 -10.44 -22.70 10.20
C ILE A 346 -9.64 -21.45 9.88
N GLN A 347 -10.30 -20.42 9.37
CA GLN A 347 -9.58 -19.23 8.91
C GLN A 347 -8.70 -18.61 9.99
N GLU A 348 -9.17 -18.62 11.23
CA GLU A 348 -8.41 -18.02 12.33
C GLU A 348 -7.17 -18.82 12.72
N GLU A 349 -6.98 -19.98 12.09
CA GLU A 349 -5.88 -20.87 12.45
C GLU A 349 -5.12 -21.45 11.27
N ASP A 350 -5.35 -20.91 10.08
CA ASP A 350 -4.64 -21.35 8.89
C ASP A 350 -3.37 -20.52 8.68
N PRO A 351 -2.60 -20.81 7.63
CA PRO A 351 -1.36 -20.05 7.39
C PRO A 351 -1.56 -18.76 6.62
N TYR A 352 -2.82 -18.38 6.35
CA TYR A 352 -3.08 -17.31 5.41
C TYR A 352 -3.49 -15.97 6.03
N ASN A 353 -3.00 -14.88 5.45
CA ASN A 353 -3.47 -13.55 5.76
C ASN A 353 -2.68 -12.52 4.97
N TRP A 354 -3.36 -11.49 4.48
CA TRP A 354 -2.67 -10.43 3.77
C TRP A 354 -1.57 -9.84 4.64
N GLY A 355 -1.88 -9.67 5.92
CA GLY A 355 -0.89 -9.24 6.89
C GLY A 355 -0.96 -7.76 7.25
N TYR A 356 -2.14 -7.17 7.05
CA TYR A 356 -2.33 -5.75 7.38
C TYR A 356 -2.64 -5.54 8.86
N ASN A 357 -1.84 -6.15 9.73
CA ASN A 357 -2.01 -6.04 11.18
C ASN A 357 -0.67 -5.85 11.90
N PRO A 358 -0.08 -4.65 11.78
CA PRO A 358 1.28 -4.39 12.26
C PRO A 358 1.50 -4.64 13.75
N VAL A 359 2.63 -5.27 14.07
CA VAL A 359 3.03 -5.51 15.45
C VAL A 359 4.42 -4.92 15.66
N LEU A 360 5.37 -5.36 14.81
CA LEU A 360 6.71 -4.78 14.77
C LEU A 360 7.16 -4.58 13.32
N TRP A 361 7.46 -3.33 12.97
CA TRP A 361 7.70 -2.95 11.57
C TRP A 361 9.04 -3.40 11.00
N GLY A 362 10.04 -3.60 11.86
CA GLY A 362 11.40 -3.80 11.38
C GLY A 362 11.91 -5.22 11.32
N VAL A 363 11.00 -6.19 11.36
CA VAL A 363 11.38 -7.59 11.40
C VAL A 363 10.58 -8.44 10.42
N PRO A 364 11.27 -9.32 9.67
CA PRO A 364 10.60 -10.20 8.72
C PRO A 364 9.60 -11.15 9.41
N LYS A 365 8.50 -11.43 8.75
CA LYS A 365 7.45 -12.29 9.29
C LYS A 365 7.95 -13.71 9.54
N GLY A 366 7.77 -14.19 10.76
CA GLY A 366 8.23 -15.52 11.14
C GLY A 366 7.61 -16.65 10.34
N SER A 367 6.31 -16.54 10.05
CA SER A 367 5.60 -17.62 9.37
C SER A 367 6.09 -17.82 7.94
N TYR A 368 6.78 -16.82 7.40
CA TYR A 368 7.30 -16.91 6.04
C TYR A 368 8.73 -17.44 6.03
N ALA A 369 9.26 -17.73 7.21
CA ALA A 369 10.60 -18.28 7.33
C ALA A 369 10.54 -19.80 7.49
N SER A 370 11.66 -20.45 7.27
CA SER A 370 11.73 -21.90 7.44
C SER A 370 11.78 -22.24 8.93
N ASP A 371 12.27 -21.29 9.72
CA ASP A 371 12.36 -21.45 11.17
C ASP A 371 12.17 -20.12 11.87
N PRO A 372 11.08 -20.00 12.66
CA PRO A 372 10.75 -18.75 13.35
C PRO A 372 11.86 -18.31 14.28
N ASP A 373 12.54 -19.27 14.91
CA ASP A 373 13.64 -18.97 15.81
C ASP A 373 14.97 -19.01 15.06
N GLY A 374 15.82 -18.02 15.28
CA GLY A 374 17.13 -18.00 14.67
C GLY A 374 17.25 -17.00 13.53
N PRO A 375 18.26 -17.20 12.66
CA PRO A 375 18.62 -16.26 11.60
C PRO A 375 17.87 -16.50 10.29
N SER A 376 17.16 -17.61 10.18
CA SER A 376 16.56 -17.99 8.90
C SER A 376 15.67 -16.91 8.30
N ARG A 377 14.94 -16.19 9.15
CA ARG A 377 14.03 -15.15 8.66
C ARG A 377 14.79 -13.96 8.09
N ILE A 378 15.96 -13.67 8.63
CA ILE A 378 16.80 -12.60 8.10
C ILE A 378 17.47 -13.03 6.80
N ILE A 379 18.17 -14.16 6.84
CA ILE A 379 18.89 -14.66 5.68
C ILE A 379 17.96 -14.87 4.48
N GLU A 380 16.85 -15.57 4.72
CA GLU A 380 15.93 -15.92 3.64
C GLU A 380 15.28 -14.70 3.00
N TYR A 381 15.01 -13.67 3.81
CA TYR A 381 14.42 -12.46 3.27
C TYR A 381 15.36 -11.81 2.27
N ARG A 382 16.62 -11.67 2.67
CA ARG A 382 17.64 -11.12 1.79
C ARG A 382 17.78 -11.96 0.53
N GLN A 383 17.73 -13.28 0.70
CA GLN A 383 17.82 -14.21 -0.43
C GLN A 383 16.65 -14.00 -1.39
N MET A 384 15.50 -13.63 -0.85
CA MET A 384 14.34 -13.33 -1.68
C MET A 384 14.57 -12.05 -2.49
N VAL A 385 15.11 -11.03 -1.82
CA VAL A 385 15.39 -9.76 -2.48
C VAL A 385 16.44 -9.95 -3.56
N GLN A 386 17.49 -10.70 -3.25
CA GLN A 386 18.56 -11.00 -4.19
C GLN A 386 18.06 -11.82 -5.39
N ALA A 387 17.21 -12.81 -5.11
CA ALA A 387 16.69 -13.68 -6.15
C ALA A 387 15.81 -12.93 -7.13
N LEU A 388 15.09 -11.93 -6.63
CA LEU A 388 14.21 -11.13 -7.48
C LEU A 388 15.03 -10.14 -8.29
N ASN A 389 16.09 -9.60 -7.68
CA ASN A 389 16.99 -8.70 -8.39
C ASN A 389 17.69 -9.41 -9.54
N ARG A 390 18.05 -10.67 -9.32
CA ARG A 390 18.82 -11.43 -10.29
C ARG A 390 18.03 -11.84 -11.53
N ILE A 391 16.71 -11.71 -11.47
CA ILE A 391 15.90 -11.94 -12.67
C ILE A 391 15.28 -10.65 -13.19
N GLY A 392 15.92 -9.53 -12.87
CA GLY A 392 15.54 -8.24 -13.44
C GLY A 392 14.43 -7.51 -12.70
N LEU A 393 14.08 -7.97 -11.51
CA LEU A 393 12.99 -7.34 -10.76
C LEU A 393 13.47 -6.66 -9.49
N ARG A 394 13.13 -5.39 -9.34
CA ARG A 394 13.35 -4.68 -8.08
C ARG A 394 12.21 -5.00 -7.12
N VAL A 395 12.45 -4.77 -5.83
CA VAL A 395 11.49 -5.18 -4.80
C VAL A 395 10.88 -4.00 -4.05
N VAL A 396 9.56 -4.02 -3.91
CA VAL A 396 8.84 -2.99 -3.19
C VAL A 396 8.10 -3.59 -2.01
N MET A 397 8.25 -2.97 -0.84
CA MET A 397 7.58 -3.47 0.36
C MET A 397 6.28 -2.72 0.63
N ASP A 398 5.26 -3.47 1.02
CA ASP A 398 4.00 -2.88 1.42
C ASP A 398 4.09 -2.51 2.89
N VAL A 399 4.22 -1.21 3.15
CA VAL A 399 4.44 -0.73 4.51
C VAL A 399 3.15 -0.17 5.11
N VAL A 400 2.87 -0.58 6.34
CA VAL A 400 1.64 -0.21 7.01
C VAL A 400 1.95 0.50 8.31
N TYR A 401 2.13 1.82 8.23
CA TYR A 401 2.49 2.63 9.40
C TYR A 401 1.29 3.37 9.98
N ASN A 402 0.10 3.08 9.45
CA ASN A 402 -1.10 3.86 9.77
C ASN A 402 -1.87 3.35 10.99
N HIS A 403 -1.62 2.10 11.38
CA HIS A 403 -2.31 1.54 12.54
C HIS A 403 -1.58 0.34 13.12
N LEU A 404 -1.99 -0.07 14.32
CA LEU A 404 -1.39 -1.20 15.00
C LEU A 404 -2.43 -2.31 15.23
N ASP A 405 -1.96 -3.55 15.29
CA ASP A 405 -2.83 -4.69 15.54
C ASP A 405 -3.53 -4.56 16.90
N SER A 406 -2.78 -4.17 17.91
CA SER A 406 -3.32 -4.08 19.26
C SER A 406 -2.78 -2.90 20.05
N SER A 407 -3.39 -2.66 21.20
CA SER A 407 -2.92 -1.64 22.13
C SER A 407 -3.28 -2.08 23.54
N GLY A 408 -2.90 -1.29 24.53
CA GLY A 408 -3.18 -1.62 25.92
C GLY A 408 -2.08 -2.44 26.55
N PRO A 409 -2.21 -2.70 27.86
CA PRO A 409 -1.20 -3.39 28.68
C PRO A 409 -1.10 -4.88 28.39
N CYS A 410 -2.22 -5.51 28.05
CA CYS A 410 -2.27 -6.95 27.87
C CYS A 410 -2.16 -7.37 26.40
N GLY A 411 -1.40 -8.42 26.14
CA GLY A 411 -1.30 -8.98 24.80
C GLY A 411 0.11 -9.10 24.27
N ILE A 412 0.39 -10.23 23.62
CA ILE A 412 1.67 -10.45 22.99
C ILE A 412 1.78 -9.62 21.70
N SER A 413 0.64 -9.19 21.17
CA SER A 413 0.61 -8.45 19.91
C SER A 413 0.67 -6.94 20.12
N SER A 414 0.66 -6.50 21.37
CA SER A 414 0.81 -5.09 21.70
C SER A 414 2.23 -4.82 22.19
N VAL A 415 2.90 -3.87 21.56
CA VAL A 415 4.27 -3.52 21.95
C VAL A 415 4.44 -2.02 22.20
N LEU A 416 4.20 -1.21 21.17
CA LEU A 416 4.39 0.23 21.27
C LEU A 416 3.52 0.88 22.36
N ASP A 417 2.22 0.61 22.32
CA ASP A 417 1.30 1.22 23.27
C ASP A 417 1.46 0.67 24.67
N LYS A 418 2.31 -0.35 24.81
CA LYS A 418 2.58 -0.97 26.10
C LYS A 418 3.74 -0.25 26.79
N ILE A 419 4.61 0.35 25.99
CA ILE A 419 5.80 1.04 26.51
C ILE A 419 5.51 2.51 26.82
N VAL A 420 4.84 3.19 25.91
CA VAL A 420 4.43 4.57 26.15
C VAL A 420 2.96 4.75 25.82
N PRO A 421 2.08 4.36 26.76
CA PRO A 421 0.62 4.41 26.58
C PRO A 421 0.14 5.79 26.13
N GLY A 422 -0.73 5.80 25.12
CA GLY A 422 -1.36 7.03 24.67
C GLY A 422 -0.51 7.92 23.77
N TYR A 423 0.68 7.44 23.40
CA TYR A 423 1.57 8.26 22.58
C TYR A 423 1.63 7.83 21.12
N TYR A 424 1.92 6.56 20.87
CA TYR A 424 2.06 6.07 19.49
C TYR A 424 0.74 6.04 18.74
N VAL A 425 -0.37 5.92 19.46
CA VAL A 425 -1.69 5.86 18.84
C VAL A 425 -2.38 7.21 18.84
N ARG A 426 -3.14 7.48 17.78
CA ARG A 426 -3.92 8.71 17.68
C ARG A 426 -5.20 8.57 18.51
N ARG A 427 -5.60 9.66 19.16
CA ARG A 427 -6.77 9.65 20.04
C ARG A 427 -7.71 10.80 19.74
N ASP A 428 -9.00 10.59 19.99
CA ASP A 428 -9.99 11.65 19.80
C ASP A 428 -9.89 12.67 20.93
N THR A 429 -10.80 13.64 20.94
CA THR A 429 -10.78 14.72 21.91
C THR A 429 -11.16 14.27 23.32
N ASN A 430 -11.65 13.04 23.44
CA ASN A 430 -12.00 12.49 24.75
C ASN A 430 -10.92 11.57 25.29
N GLY A 431 -9.88 11.34 24.48
CA GLY A 431 -8.78 10.49 24.88
C GLY A 431 -8.95 9.05 24.44
N GLN A 432 -10.04 8.77 23.72
CA GLN A 432 -10.31 7.43 23.21
C GLN A 432 -9.56 7.22 21.90
N ILE A 433 -9.05 6.00 21.70
CA ILE A 433 -8.25 5.70 20.53
C ILE A 433 -9.05 5.73 19.22
N GLU A 434 -8.43 6.27 18.17
CA GLU A 434 -9.04 6.32 16.84
C GLU A 434 -8.86 4.98 16.11
N ASN A 435 -9.94 4.46 15.55
CA ASN A 435 -9.89 3.18 14.84
C ASN A 435 -10.20 3.31 13.36
N SER A 436 -10.10 4.53 12.85
CA SER A 436 -10.41 4.81 11.44
C SER A 436 -9.70 3.88 10.46
N ALA A 437 -8.38 3.76 10.58
CA ALA A 437 -7.59 2.94 9.66
C ALA A 437 -8.01 1.47 9.69
N ALA A 438 -8.50 1.03 10.85
CA ALA A 438 -8.96 -0.33 11.08
C ALA A 438 -9.14 -0.51 12.58
N MET A 439 -8.10 -0.10 13.31
CA MET A 439 -8.10 -0.10 14.76
C MET A 439 -6.74 0.37 15.25
N ASN A 440 -6.73 1.19 16.29
CA ASN A 440 -5.48 1.66 16.85
C ASN A 440 -4.66 2.47 15.84
N ASN A 441 -5.25 3.54 15.34
CA ASN A 441 -4.56 4.43 14.40
C ASN A 441 -3.28 4.97 15.03
N THR A 442 -2.25 5.13 14.20
CA THR A 442 -0.99 5.70 14.67
C THR A 442 -1.05 7.22 14.61
N ALA A 443 -0.12 7.87 15.30
CA ALA A 443 -0.02 9.32 15.27
C ALA A 443 1.35 9.75 14.75
N SER A 444 1.51 9.75 13.42
CA SER A 444 2.77 10.14 12.81
C SER A 444 3.09 11.61 13.08
N GLU A 445 2.11 12.34 13.59
CA GLU A 445 2.31 13.75 13.93
C GLU A 445 3.16 13.91 15.20
N HIS A 446 3.36 12.81 15.91
CA HIS A 446 4.21 12.82 17.09
C HIS A 446 5.67 12.50 16.72
N PHE A 447 6.59 13.27 17.27
CA PHE A 447 8.01 13.18 16.92
C PHE A 447 8.55 11.75 16.85
N MET A 448 8.47 11.03 17.96
CA MET A 448 9.06 9.69 18.05
C MET A 448 8.32 8.67 17.19
N VAL A 449 7.07 8.93 16.87
CA VAL A 449 6.36 8.08 15.93
C VAL A 449 6.91 8.34 14.53
N ASP A 450 7.12 9.61 14.21
CA ASP A 450 7.70 10.01 12.94
C ASP A 450 9.11 9.44 12.79
N ARG A 451 9.88 9.48 13.88
CA ARG A 451 11.22 8.93 13.86
C ARG A 451 11.20 7.41 13.62
N LEU A 452 10.25 6.73 14.27
CA LEU A 452 10.16 5.28 14.16
C LEU A 452 9.87 4.87 12.72
N ILE A 453 9.01 5.65 12.06
CA ILE A 453 8.61 5.36 10.69
C ILE A 453 9.78 5.53 9.72
N VAL A 454 10.42 6.70 9.77
CA VAL A 454 11.57 6.96 8.92
C VAL A 454 12.70 5.97 9.19
N ASP A 455 12.94 5.69 10.47
CA ASP A 455 13.96 4.71 10.86
C ASP A 455 13.69 3.33 10.29
N ASP A 456 12.44 2.89 10.35
CA ASP A 456 12.08 1.57 9.86
C ASP A 456 12.35 1.49 8.36
N LEU A 457 11.98 2.54 7.63
CA LEU A 457 12.21 2.61 6.20
C LEU A 457 13.71 2.45 5.90
N LEU A 458 14.54 3.16 6.66
CA LEU A 458 15.98 3.08 6.46
C LEU A 458 16.51 1.68 6.80
N ASN A 459 15.90 1.03 7.78
CA ASN A 459 16.25 -0.32 8.14
C ASN A 459 16.10 -1.26 6.94
N TRP A 460 14.95 -1.18 6.28
CA TRP A 460 14.67 -2.03 5.12
C TRP A 460 15.51 -1.66 3.90
N ALA A 461 15.72 -0.36 3.67
CA ALA A 461 16.47 0.09 2.51
C ALA A 461 17.95 -0.32 2.61
N VAL A 462 18.48 -0.30 3.82
CA VAL A 462 19.90 -0.56 4.03
C VAL A 462 20.20 -2.01 4.40
N ASN A 463 19.49 -2.53 5.39
CA ASN A 463 19.75 -3.87 5.89
C ASN A 463 19.22 -4.97 4.98
N TYR A 464 18.28 -4.62 4.11
CA TYR A 464 17.66 -5.59 3.23
C TYR A 464 17.68 -5.16 1.77
N LYS A 465 18.19 -3.96 1.52
CA LYS A 465 18.36 -3.44 0.17
C LYS A 465 17.06 -3.45 -0.65
N VAL A 466 15.97 -3.02 -0.01
CA VAL A 466 14.68 -2.90 -0.67
C VAL A 466 14.69 -1.71 -1.65
N ASP A 467 13.91 -1.82 -2.72
CA ASP A 467 14.00 -0.88 -3.84
C ASP A 467 12.87 0.16 -3.89
N GLY A 468 11.85 -0.02 -3.07
CA GLY A 468 10.72 0.90 -3.07
C GLY A 468 9.70 0.57 -2.00
N PHE A 469 8.82 1.53 -1.71
CA PHE A 469 7.83 1.34 -0.66
C PHE A 469 6.43 1.82 -1.07
N ARG A 470 5.44 0.96 -0.85
CA ARG A 470 4.03 1.34 -1.00
C ARG A 470 3.41 1.58 0.37
N PHE A 471 2.93 2.80 0.60
CA PHE A 471 2.37 3.16 1.89
C PHE A 471 0.87 2.88 1.96
N ASP A 472 0.49 1.97 2.84
CA ASP A 472 -0.90 1.68 3.10
C ASP A 472 -1.55 2.86 3.82
N LEU A 473 -2.72 3.28 3.35
CA LEU A 473 -3.41 4.44 3.91
C LEU A 473 -2.46 5.62 4.12
N MET A 474 -1.82 6.06 3.04
CA MET A 474 -0.89 7.18 3.08
C MET A 474 -1.56 8.45 3.60
N GLY A 475 -2.87 8.55 3.40
CA GLY A 475 -3.63 9.70 3.85
C GLY A 475 -3.71 9.84 5.36
N HIS A 476 -3.34 8.77 6.07
CA HIS A 476 -3.34 8.81 7.53
C HIS A 476 -1.98 9.20 8.08
N ILE A 477 -1.01 9.35 7.17
CA ILE A 477 0.34 9.73 7.54
C ILE A 477 0.57 11.21 7.25
N MET A 478 1.28 11.88 8.14
CA MET A 478 1.59 13.30 7.95
C MET A 478 2.46 13.49 6.71
N LYS A 479 2.20 14.56 5.97
CA LYS A 479 2.96 14.85 4.77
C LYS A 479 4.45 15.06 5.10
N ARG A 480 4.71 15.78 6.18
CA ARG A 480 6.09 16.03 6.60
C ARG A 480 6.83 14.73 6.88
N THR A 481 6.15 13.75 7.45
CA THR A 481 6.73 12.43 7.66
C THR A 481 7.11 11.80 6.33
N MET A 482 6.18 11.84 5.37
CA MET A 482 6.42 11.32 4.03
C MET A 482 7.60 12.02 3.34
N MET A 483 7.68 13.34 3.47
CA MET A 483 8.74 14.11 2.80
C MET A 483 10.11 13.91 3.46
N ARG A 484 10.13 13.87 4.79
CA ARG A 484 11.39 13.66 5.50
C ARG A 484 11.93 12.26 5.19
N ALA A 485 11.03 11.30 5.02
CA ALA A 485 11.43 9.94 4.68
C ALA A 485 12.01 9.89 3.28
N LYS A 486 11.42 10.67 2.37
CA LYS A 486 11.83 10.66 0.97
C LYS A 486 13.25 11.17 0.78
N SER A 487 13.62 12.21 1.51
CA SER A 487 14.98 12.75 1.39
C SER A 487 16.01 11.84 2.08
N ALA A 488 15.63 11.25 3.20
CA ALA A 488 16.52 10.34 3.92
C ALA A 488 16.84 9.09 3.10
N LEU A 489 15.84 8.55 2.42
CA LEU A 489 16.02 7.37 1.58
C LEU A 489 16.78 7.68 0.28
N GLN A 490 16.46 8.80 -0.35
CA GLN A 490 17.05 9.13 -1.64
C GLN A 490 18.49 9.64 -1.53
N SER A 491 18.92 9.96 -0.31
CA SER A 491 20.28 10.45 -0.10
C SER A 491 21.25 9.32 0.22
N LEU A 492 20.73 8.10 0.40
CA LEU A 492 21.57 6.94 0.64
C LEU A 492 22.46 6.70 -0.58
N THR A 493 23.72 6.36 -0.34
CA THR A 493 24.66 6.11 -1.42
C THR A 493 25.34 4.75 -1.28
N THR A 494 25.84 4.23 -2.39
CA THR A 494 26.47 2.92 -2.41
C THR A 494 27.71 2.87 -1.51
N ASP A 495 28.50 3.94 -1.51
CA ASP A 495 29.74 3.98 -0.77
C ASP A 495 29.53 4.11 0.75
N ALA A 496 28.42 4.71 1.15
CA ALA A 496 28.16 4.94 2.57
C ALA A 496 27.15 3.96 3.16
N HIS A 497 26.37 3.31 2.30
CA HIS A 497 25.27 2.47 2.77
C HIS A 497 25.10 1.18 1.97
N GLY A 498 25.72 1.12 0.80
CA GLY A 498 25.63 -0.06 -0.04
C GLY A 498 24.38 -0.11 -0.89
N VAL A 499 23.61 0.98 -0.85
CA VAL A 499 22.40 1.08 -1.68
C VAL A 499 22.32 2.44 -2.36
N ASP A 500 21.86 2.45 -3.61
CA ASP A 500 21.69 3.69 -4.36
C ASP A 500 20.32 4.30 -4.07
N GLY A 501 20.30 5.21 -3.11
CA GLY A 501 19.05 5.81 -2.65
C GLY A 501 18.27 6.57 -3.70
N SER A 502 18.98 7.11 -4.69
CA SER A 502 18.33 7.91 -5.73
C SER A 502 17.33 7.11 -6.54
N LYS A 503 17.46 5.78 -6.49
CA LYS A 503 16.62 4.90 -7.31
C LYS A 503 15.41 4.36 -6.54
N ILE A 504 15.32 4.70 -5.26
CA ILE A 504 14.21 4.24 -4.42
C ILE A 504 12.94 5.04 -4.70
N TYR A 505 11.83 4.34 -4.91
CA TYR A 505 10.58 4.99 -5.30
C TYR A 505 9.48 4.80 -4.25
N LEU A 506 8.71 5.86 -4.01
CA LEU A 506 7.65 5.84 -3.02
C LEU A 506 6.28 6.15 -3.61
N TYR A 507 5.26 5.42 -3.15
CA TYR A 507 3.88 5.66 -3.55
C TYR A 507 2.93 5.04 -2.54
N GLY A 508 1.68 5.49 -2.53
CA GLY A 508 0.72 4.95 -1.59
C GLY A 508 -0.73 5.36 -1.83
N GLU A 509 -1.63 4.84 -1.00
CA GLU A 509 -3.03 5.19 -1.06
C GLU A 509 -3.27 6.55 -0.44
N GLY A 510 -3.57 7.55 -1.26
CA GLY A 510 -3.77 8.90 -0.76
C GLY A 510 -5.22 9.20 -0.41
N TRP A 511 -5.91 8.25 0.20
CA TRP A 511 -7.31 8.46 0.55
C TRP A 511 -7.44 9.49 1.67
N ASP A 512 -8.40 10.39 1.51
CA ASP A 512 -8.64 11.43 2.50
C ASP A 512 -10.01 11.22 3.15
N PHE A 513 -10.00 10.74 4.40
CA PHE A 513 -11.25 10.49 5.10
C PHE A 513 -11.07 10.44 6.62
N ALA A 514 -12.18 10.42 7.34
CA ALA A 514 -12.17 10.32 8.79
C ALA A 514 -11.50 11.51 9.47
N GLU A 515 -10.82 11.24 10.58
CA GLU A 515 -10.29 12.31 11.43
C GLU A 515 -9.16 13.11 10.80
N VAL A 516 -8.52 12.56 9.77
CA VAL A 516 -7.42 13.26 9.09
C VAL A 516 -7.91 14.13 7.94
N ALA A 517 -9.18 13.99 7.58
CA ALA A 517 -9.75 14.75 6.46
C ALA A 517 -9.68 16.24 6.72
N ARG A 518 -9.57 17.02 5.64
CA ARG A 518 -9.52 18.47 5.73
C ARG A 518 -8.37 18.97 6.62
N ASN A 519 -7.29 18.20 6.66
CA ASN A 519 -6.09 18.58 7.39
C ASN A 519 -6.32 18.82 8.88
N GLN A 520 -7.29 18.12 9.45
CA GLN A 520 -7.67 18.34 10.85
C GLN A 520 -6.55 18.04 11.84
N ARG A 521 -5.75 17.01 11.56
CA ARG A 521 -4.61 16.68 12.41
C ARG A 521 -3.31 17.21 11.82
N GLY A 522 -3.44 18.10 10.84
CA GLY A 522 -2.30 18.62 10.12
C GLY A 522 -2.36 18.18 8.67
N ILE A 523 -1.43 18.68 7.86
CA ILE A 523 -1.41 18.34 6.44
C ILE A 523 -1.00 16.87 6.24
N ASN A 524 -1.95 16.06 5.80
CA ASN A 524 -1.73 14.63 5.60
C ASN A 524 -1.37 14.27 4.16
N GLY A 525 -0.96 13.02 3.96
CA GLY A 525 -0.51 12.57 2.65
C GLY A 525 -1.64 12.15 1.73
N SER A 526 -2.63 13.01 1.56
CA SER A 526 -3.75 12.74 0.67
C SER A 526 -3.35 13.01 -0.78
N GLN A 527 -4.21 12.63 -1.71
CA GLN A 527 -3.91 12.83 -3.13
C GLN A 527 -3.61 14.29 -3.46
N LEU A 528 -4.44 15.20 -2.98
CA LEU A 528 -4.28 16.62 -3.30
C LEU A 528 -3.08 17.26 -2.59
N ASN A 529 -2.74 16.75 -1.41
CA ASN A 529 -1.60 17.27 -0.67
C ASN A 529 -0.26 16.77 -1.21
N MET A 530 -0.30 15.61 -1.88
CA MET A 530 0.92 15.00 -2.40
C MET A 530 1.23 15.42 -3.82
N SER A 531 0.41 16.32 -4.35
CA SER A 531 0.66 16.86 -5.69
C SER A 531 1.94 17.71 -5.67
N GLY A 532 2.89 17.36 -6.52
CA GLY A 532 4.14 18.08 -6.59
C GLY A 532 5.22 17.56 -5.63
N THR A 533 4.99 16.38 -5.05
CA THR A 533 5.94 15.82 -4.09
C THR A 533 6.83 14.75 -4.71
N GLY A 534 6.48 14.30 -5.91
CA GLY A 534 7.23 13.24 -6.57
C GLY A 534 6.89 11.87 -6.03
N ILE A 535 5.91 11.83 -5.11
CA ILE A 535 5.47 10.58 -4.52
C ILE A 535 4.16 10.12 -5.14
N GLY A 536 4.15 8.89 -5.64
CA GLY A 536 3.01 8.38 -6.38
C GLY A 536 1.79 8.10 -5.54
N SER A 537 0.61 8.17 -6.18
CA SER A 537 -0.64 7.83 -5.52
C SER A 537 -1.54 7.08 -6.49
N PHE A 538 -2.40 6.22 -5.94
CA PHE A 538 -3.30 5.42 -6.76
C PHE A 538 -4.39 6.27 -7.40
N ASN A 539 -4.49 6.19 -8.72
CA ASN A 539 -5.49 6.94 -9.47
C ASN A 539 -6.82 6.20 -9.48
N ASP A 540 -7.63 6.43 -8.45
CA ASP A 540 -8.92 5.76 -8.32
C ASP A 540 -9.92 6.25 -9.37
N ARG A 541 -9.58 7.35 -10.03
CA ARG A 541 -10.44 7.94 -11.04
C ARG A 541 -10.52 7.09 -12.31
N ILE A 542 -9.37 6.68 -12.83
CA ILE A 542 -9.32 5.88 -14.04
C ILE A 542 -9.80 4.45 -13.77
N ARG A 543 -9.60 4.01 -12.54
CA ARG A 543 -10.03 2.67 -12.13
C ARG A 543 -11.55 2.54 -12.22
N ASP A 544 -12.25 3.48 -11.60
CA ASP A 544 -13.71 3.47 -11.57
C ASP A 544 -14.34 3.76 -12.93
N ALA A 545 -13.67 4.57 -13.75
CA ALA A 545 -14.20 4.92 -15.06
C ALA A 545 -14.15 3.73 -16.01
N ILE A 546 -13.09 2.94 -15.90
CA ILE A 546 -12.93 1.75 -16.74
C ILE A 546 -13.86 0.63 -16.30
N ASN A 547 -13.86 0.32 -15.01
CA ASN A 547 -14.69 -0.76 -14.48
C ASN A 547 -16.15 -0.37 -14.29
N GLY A 548 -16.38 0.86 -13.85
CA GLY A 548 -17.73 1.34 -13.61
C GLY A 548 -18.08 1.38 -12.13
N GLY A 549 -18.85 2.40 -11.74
CA GLY A 549 -19.28 2.54 -10.37
C GLY A 549 -18.13 2.69 -9.39
N ASN A 550 -18.26 2.03 -8.23
CA ASN A 550 -17.24 2.10 -7.19
C ASN A 550 -17.46 0.99 -6.16
N PRO A 551 -16.43 0.72 -5.35
CA PRO A 551 -16.49 -0.38 -4.37
C PRO A 551 -17.64 -0.25 -3.37
N PHE A 552 -18.30 0.90 -3.33
CA PHE A 552 -19.38 1.13 -2.38
C PHE A 552 -20.75 1.20 -3.06
N GLY A 553 -20.76 1.19 -4.38
CA GLY A 553 -22.00 1.28 -5.13
C GLY A 553 -22.54 -0.07 -5.57
N ASN A 554 -23.61 -0.04 -6.36
CA ASN A 554 -24.18 -1.27 -6.90
C ASN A 554 -23.18 -1.99 -7.80
N PRO A 555 -22.98 -3.30 -7.58
CA PRO A 555 -21.99 -4.08 -8.33
C PRO A 555 -22.30 -4.15 -9.82
N LEU A 556 -23.56 -3.93 -10.19
CA LEU A 556 -23.95 -4.05 -11.59
C LEU A 556 -23.76 -2.76 -12.38
N GLN A 557 -23.28 -1.70 -11.72
CA GLN A 557 -23.07 -0.44 -12.40
C GLN A 557 -21.94 -0.55 -13.43
N GLN A 558 -22.28 -0.28 -14.69
CA GLN A 558 -21.36 -0.48 -15.80
C GLN A 558 -20.46 0.72 -16.07
N GLY A 559 -19.25 0.45 -16.56
CA GLY A 559 -18.32 1.49 -16.92
C GLY A 559 -17.87 1.41 -18.36
N PHE A 560 -16.86 2.21 -18.71
CA PHE A 560 -16.37 2.29 -20.08
C PHE A 560 -16.02 0.93 -20.67
N ASN A 561 -15.35 0.09 -19.87
CA ASN A 561 -14.87 -1.19 -20.35
C ASN A 561 -15.73 -2.38 -19.90
N THR A 562 -16.93 -2.10 -19.41
CA THR A 562 -17.80 -3.17 -18.95
C THR A 562 -19.20 -3.09 -19.55
N GLY A 563 -19.32 -2.38 -20.67
CA GLY A 563 -20.54 -2.41 -21.46
C GLY A 563 -21.52 -1.27 -21.25
N LEU A 564 -21.11 -0.21 -20.57
CA LEU A 564 -22.03 0.91 -20.35
C LEU A 564 -22.54 1.46 -21.67
N PHE A 565 -23.86 1.49 -21.81
CA PHE A 565 -24.51 2.00 -23.02
C PHE A 565 -24.40 1.08 -24.23
N LEU A 566 -23.17 0.68 -24.56
CA LEU A 566 -22.92 -0.17 -25.72
C LEU A 566 -23.49 -1.57 -25.52
N GLU A 567 -23.43 -2.06 -24.29
CA GLU A 567 -23.90 -3.40 -23.98
C GLU A 567 -24.57 -3.47 -22.61
N PRO A 568 -25.81 -2.95 -22.51
CA PRO A 568 -26.55 -2.92 -21.25
C PRO A 568 -26.63 -4.30 -20.62
N ASN A 569 -26.50 -4.37 -19.30
CA ASN A 569 -26.52 -5.66 -18.60
C ASN A 569 -27.88 -6.00 -17.98
N GLY A 570 -28.81 -5.06 -18.03
CA GLY A 570 -30.14 -5.28 -17.48
C GLY A 570 -30.46 -4.35 -16.32
N PHE A 571 -29.47 -4.13 -15.45
CA PHE A 571 -29.62 -3.21 -14.33
C PHE A 571 -29.93 -1.81 -14.84
N TYR A 572 -31.03 -1.23 -14.36
CA TYR A 572 -31.47 0.07 -14.86
C TYR A 572 -30.48 1.17 -14.51
N GLN A 573 -30.04 1.90 -15.52
CA GLN A 573 -29.03 2.95 -15.33
C GLN A 573 -29.37 4.21 -16.14
N GLY A 574 -30.65 4.39 -16.45
CA GLY A 574 -31.11 5.56 -17.18
C GLY A 574 -31.47 5.27 -18.62
N ASN A 575 -31.87 6.31 -19.35
CA ASN A 575 -32.21 6.17 -20.77
C ASN A 575 -30.97 6.12 -21.64
N GLU A 576 -31.14 5.75 -22.90
CA GLU A 576 -30.02 5.66 -23.83
C GLU A 576 -29.17 6.93 -23.82
N ALA A 577 -29.84 8.08 -23.81
CA ALA A 577 -29.15 9.36 -23.81
C ALA A 577 -28.31 9.57 -22.56
N ASP A 578 -28.79 9.06 -21.42
CA ASP A 578 -28.10 9.22 -20.15
C ASP A 578 -26.86 8.33 -20.07
N THR A 579 -27.02 7.07 -20.45
CA THR A 579 -25.91 6.12 -20.41
C THR A 579 -24.84 6.50 -21.43
N ARG A 580 -25.27 6.99 -22.59
CA ARG A 580 -24.33 7.44 -23.61
C ARG A 580 -23.52 8.63 -23.09
N ARG A 581 -24.19 9.54 -22.40
CA ARG A 581 -23.54 10.72 -21.84
C ARG A 581 -22.53 10.31 -20.78
N SER A 582 -22.93 9.37 -19.94
CA SER A 582 -22.06 8.88 -18.86
C SER A 582 -20.83 8.17 -19.43
N LEU A 583 -21.04 7.39 -20.49
CA LEU A 583 -19.94 6.70 -21.15
C LEU A 583 -18.89 7.72 -21.59
N ALA A 584 -19.37 8.81 -22.19
CA ALA A 584 -18.49 9.88 -22.65
C ALA A 584 -17.77 10.54 -21.48
N THR A 585 -18.52 10.76 -20.38
CA THR A 585 -17.95 11.34 -19.17
C THR A 585 -16.79 10.47 -18.67
N TYR A 586 -17.04 9.18 -18.52
CA TYR A 586 -15.98 8.25 -18.13
C TYR A 586 -14.79 8.32 -19.09
N ALA A 587 -15.09 8.39 -20.38
CA ALA A 587 -14.04 8.44 -21.39
C ALA A 587 -13.11 9.62 -21.16
N ASP A 588 -13.69 10.75 -20.74
CA ASP A 588 -12.90 11.94 -20.44
C ASP A 588 -11.94 11.70 -19.27
N GLN A 589 -12.44 11.07 -18.21
CA GLN A 589 -11.62 10.79 -17.04
C GLN A 589 -10.49 9.84 -17.40
N ILE A 590 -10.80 8.81 -18.18
CA ILE A 590 -9.79 7.85 -18.62
C ILE A 590 -8.68 8.55 -19.41
N GLN A 591 -9.08 9.42 -20.34
CA GLN A 591 -8.12 10.14 -21.17
C GLN A 591 -7.22 11.07 -20.35
N ILE A 592 -7.78 11.67 -19.31
CA ILE A 592 -6.98 12.49 -18.41
C ILE A 592 -5.99 11.60 -17.65
N GLY A 593 -6.41 10.39 -17.30
CA GLY A 593 -5.56 9.45 -16.60
C GLY A 593 -4.48 8.86 -17.49
N LEU A 594 -4.81 8.66 -18.77
CA LEU A 594 -3.86 8.16 -19.75
C LEU A 594 -2.74 9.17 -19.98
N ALA A 595 -3.04 10.45 -19.76
CA ALA A 595 -2.06 11.51 -19.95
C ALA A 595 -1.31 11.83 -18.67
N GLY A 596 -1.26 10.87 -17.75
CA GLY A 596 -0.53 11.04 -16.51
C GLY A 596 -1.35 11.66 -15.40
N ASN A 597 -2.64 11.83 -15.64
CA ASN A 597 -3.56 12.42 -14.66
C ASN A 597 -3.08 13.78 -14.15
N LEU A 598 -2.56 14.59 -15.06
CA LEU A 598 -2.04 15.91 -14.74
C LEU A 598 -3.17 16.93 -14.57
N ARG A 599 -3.01 17.86 -13.65
CA ARG A 599 -4.04 18.84 -13.38
C ARG A 599 -4.09 19.97 -14.44
N ASP A 600 -3.00 20.16 -15.15
CA ASP A 600 -2.91 21.27 -16.11
C ASP A 600 -3.06 20.82 -17.58
N TYR A 601 -3.18 19.52 -17.80
CA TYR A 601 -3.33 19.01 -19.16
C TYR A 601 -4.70 19.37 -19.73
N VAL A 602 -4.70 19.98 -20.92
CA VAL A 602 -5.94 20.45 -21.52
C VAL A 602 -6.54 19.43 -22.48
N LEU A 603 -7.78 19.02 -22.20
CA LEU A 603 -8.47 18.03 -23.01
C LEU A 603 -9.77 18.58 -23.56
N ILE A 604 -10.07 18.25 -24.82
CA ILE A 604 -11.36 18.58 -25.40
C ILE A 604 -12.42 17.63 -24.83
N SER A 605 -13.22 18.13 -23.89
CA SER A 605 -14.20 17.29 -23.20
C SER A 605 -15.34 16.86 -24.14
N HIS A 606 -16.27 16.08 -23.60
CA HIS A 606 -17.35 15.53 -24.41
C HIS A 606 -18.37 16.59 -24.80
N THR A 607 -18.43 17.68 -24.04
CA THR A 607 -19.32 18.79 -24.37
C THR A 607 -18.74 19.60 -25.52
N GLY A 608 -17.48 19.33 -25.85
CA GLY A 608 -16.78 20.06 -26.90
C GLY A 608 -15.91 21.15 -26.33
N GLU A 609 -16.14 21.49 -25.07
CA GLU A 609 -15.37 22.54 -24.39
C GLU A 609 -14.02 22.04 -23.91
N ALA A 610 -12.99 22.87 -24.07
CA ALA A 610 -11.65 22.52 -23.62
C ALA A 610 -11.51 22.73 -22.11
N LYS A 611 -10.98 21.73 -21.42
CA LYS A 611 -10.85 21.79 -19.98
C LYS A 611 -9.53 21.17 -19.51
N LYS A 612 -8.98 21.73 -18.44
CA LYS A 612 -7.80 21.15 -17.80
C LYS A 612 -8.20 19.96 -16.95
N GLY A 613 -7.24 19.08 -16.66
CA GLY A 613 -7.50 17.91 -15.86
C GLY A 613 -8.13 18.23 -14.51
N SER A 614 -7.73 19.35 -13.93
CA SER A 614 -8.26 19.77 -12.63
C SER A 614 -9.65 20.39 -12.78
N GLU A 615 -9.99 20.80 -14.00
CA GLU A 615 -11.28 21.45 -14.26
C GLU A 615 -12.39 20.43 -14.50
N ILE A 616 -12.01 19.18 -14.72
CA ILE A 616 -12.97 18.09 -14.82
C ILE A 616 -13.12 17.46 -13.45
N HIS A 617 -14.35 17.26 -13.01
CA HIS A 617 -14.60 16.84 -11.62
C HIS A 617 -15.15 15.43 -11.48
N THR A 618 -14.82 14.80 -10.35
CA THR A 618 -15.33 13.47 -10.02
C THR A 618 -16.82 13.55 -9.69
N PHE A 619 -17.44 12.39 -9.52
CA PHE A 619 -18.87 12.31 -9.25
C PHE A 619 -19.25 13.04 -7.96
N ASP A 620 -18.24 13.37 -7.14
CA ASP A 620 -18.50 14.05 -5.87
C ASP A 620 -17.84 15.43 -5.76
N GLY A 621 -17.42 15.98 -6.90
CA GLY A 621 -17.02 17.37 -6.97
C GLY A 621 -15.57 17.72 -6.75
N LEU A 622 -14.66 16.78 -6.96
CA LEU A 622 -13.23 17.07 -6.86
C LEU A 622 -12.51 16.84 -8.18
N PRO A 623 -11.38 17.55 -8.39
CA PRO A 623 -10.60 17.49 -9.64
C PRO A 623 -10.18 16.06 -10.00
N VAL A 624 -10.42 15.69 -11.24
CA VAL A 624 -10.01 14.38 -11.73
C VAL A 624 -8.48 14.29 -11.85
N GLY A 625 -7.90 15.22 -12.60
CA GLY A 625 -6.45 15.31 -12.70
C GLY A 625 -5.90 16.22 -11.62
N TYR A 626 -4.97 15.71 -10.83
CA TYR A 626 -4.52 16.44 -9.64
C TYR A 626 -3.00 16.39 -9.44
N THR A 627 -2.30 15.78 -10.38
CA THR A 627 -0.85 15.62 -10.25
C THR A 627 -0.07 16.71 -10.97
N ALA A 628 1.19 16.87 -10.57
CA ALA A 628 2.09 17.84 -11.19
C ALA A 628 3.13 17.13 -12.04
N SER A 629 3.13 15.81 -11.97
CA SER A 629 4.03 14.98 -12.76
C SER A 629 3.45 13.59 -12.99
N PRO A 630 3.78 12.97 -14.13
CA PRO A 630 3.31 11.62 -14.44
C PRO A 630 3.80 10.59 -13.43
N ILE A 631 5.00 10.77 -12.88
CA ILE A 631 5.52 9.82 -11.90
C ILE A 631 4.75 9.87 -10.58
N GLU A 632 3.81 10.81 -10.47
CA GLU A 632 2.99 10.92 -9.26
C GLU A 632 1.66 10.18 -9.41
N THR A 633 1.44 9.57 -10.57
CA THR A 633 0.20 8.83 -10.78
C THR A 633 0.43 7.33 -10.97
N ILE A 634 -0.31 6.54 -10.20
CA ILE A 634 -0.27 5.09 -10.31
C ILE A 634 -1.57 4.61 -10.92
N ASN A 635 -1.56 4.38 -12.23
CA ASN A 635 -2.77 3.92 -12.92
C ASN A 635 -3.00 2.42 -12.70
N TYR A 636 -4.26 2.05 -12.45
CA TYR A 636 -4.60 0.65 -12.23
C TYR A 636 -6.10 0.39 -12.40
N VAL A 637 -6.46 -0.88 -12.50
CA VAL A 637 -7.86 -1.28 -12.63
C VAL A 637 -8.19 -2.44 -11.70
N SER A 638 -7.21 -2.84 -10.90
CA SER A 638 -7.40 -3.96 -9.97
C SER A 638 -6.27 -4.05 -8.96
N ALA A 639 -6.56 -4.62 -7.80
CA ALA A 639 -5.55 -4.79 -6.75
C ALA A 639 -5.98 -5.93 -5.83
N HIS A 640 -5.21 -6.15 -4.76
CA HIS A 640 -5.48 -7.26 -3.86
C HIS A 640 -6.90 -7.15 -3.27
N ASP A 641 -7.31 -5.93 -2.94
CA ASP A 641 -8.64 -5.74 -2.36
C ASP A 641 -9.71 -5.48 -3.42
N ASN A 642 -10.97 -5.72 -3.05
CA ASN A 642 -12.08 -5.68 -4.00
C ASN A 642 -11.97 -6.82 -5.02
N GLU A 643 -12.97 -6.93 -5.89
CA GLU A 643 -13.00 -8.00 -6.88
C GLU A 643 -11.78 -7.96 -7.78
N THR A 644 -11.32 -9.13 -8.20
CA THR A 644 -10.23 -9.20 -9.18
C THR A 644 -10.73 -8.65 -10.50
N LEU A 645 -9.80 -8.40 -11.42
CA LEU A 645 -10.17 -7.89 -12.73
C LEU A 645 -11.15 -8.82 -13.44
N PHE A 646 -10.83 -10.11 -13.47
CA PHE A 646 -11.68 -11.09 -14.15
C PHE A 646 -13.06 -11.16 -13.51
N ASP A 647 -13.11 -11.11 -12.18
CA ASP A 647 -14.37 -11.24 -11.45
C ASP A 647 -15.29 -10.04 -11.65
N VAL A 648 -14.71 -8.84 -11.69
CA VAL A 648 -15.51 -7.62 -11.83
C VAL A 648 -16.12 -7.53 -13.23
N ILE A 649 -15.38 -8.02 -14.22
CA ILE A 649 -15.87 -8.03 -15.60
C ILE A 649 -16.98 -9.07 -15.78
N SER A 650 -16.83 -10.21 -15.11
CA SER A 650 -17.82 -11.28 -15.20
C SER A 650 -19.11 -10.93 -14.45
N VAL A 651 -19.04 -9.91 -13.60
CA VAL A 651 -20.22 -9.46 -12.86
C VAL A 651 -20.95 -8.33 -13.58
N LYS A 652 -20.20 -7.42 -14.18
CA LYS A 652 -20.78 -6.21 -14.76
C LYS A 652 -21.28 -6.39 -16.20
N THR A 653 -20.55 -7.16 -17.00
CA THR A 653 -20.96 -7.38 -18.39
C THR A 653 -22.16 -8.33 -18.47
N PRO A 654 -22.90 -8.29 -19.59
CA PRO A 654 -24.07 -9.15 -19.77
C PRO A 654 -23.70 -10.62 -19.68
N MET A 655 -24.57 -11.42 -19.07
CA MET A 655 -24.31 -12.85 -18.87
C MET A 655 -24.17 -13.58 -20.21
N ILE A 656 -24.86 -13.10 -21.22
CA ILE A 656 -24.88 -13.78 -22.52
C ILE A 656 -23.49 -13.86 -23.14
N LEU A 657 -22.63 -12.90 -22.81
CA LEU A 657 -21.27 -12.85 -23.35
C LEU A 657 -20.50 -14.13 -23.07
N SER A 658 -19.73 -14.58 -24.05
CA SER A 658 -18.90 -15.76 -23.91
C SER A 658 -17.64 -15.40 -23.13
N VAL A 659 -16.95 -16.41 -22.60
CA VAL A 659 -15.71 -16.18 -21.87
C VAL A 659 -14.62 -15.74 -22.84
N ASP A 660 -14.81 -16.07 -24.12
CA ASP A 660 -13.88 -15.67 -25.17
C ASP A 660 -13.87 -14.16 -25.34
N GLU A 661 -15.05 -13.56 -25.33
CA GLU A 661 -15.18 -12.12 -25.45
C GLU A 661 -14.68 -11.40 -24.21
N ARG A 662 -14.96 -11.98 -23.05
CA ARG A 662 -14.50 -11.41 -21.78
C ARG A 662 -12.98 -11.46 -21.67
N CYS A 663 -12.38 -12.50 -22.25
CA CYS A 663 -10.93 -12.62 -22.32
C CYS A 663 -10.33 -11.37 -22.98
N ARG A 664 -11.02 -10.87 -23.99
CA ARG A 664 -10.58 -9.67 -24.69
C ARG A 664 -10.84 -8.43 -23.86
N ILE A 665 -11.95 -8.42 -23.13
CA ILE A 665 -12.29 -7.31 -22.26
C ILE A 665 -11.23 -7.14 -21.18
N ASN A 666 -10.76 -8.25 -20.63
CA ASN A 666 -9.68 -8.22 -19.64
C ASN A 666 -8.43 -7.55 -20.21
N HIS A 667 -8.05 -7.95 -21.42
CA HIS A 667 -6.85 -7.42 -22.06
C HIS A 667 -6.97 -5.92 -22.31
N LEU A 668 -8.16 -5.48 -22.73
CA LEU A 668 -8.40 -4.05 -22.94
C LEU A 668 -8.06 -3.25 -21.68
N ALA A 669 -8.55 -3.74 -20.54
CA ALA A 669 -8.34 -3.06 -19.27
C ALA A 669 -6.85 -2.91 -18.95
N SER A 670 -6.14 -4.03 -18.87
CA SER A 670 -4.72 -3.98 -18.51
C SER A 670 -3.87 -3.30 -19.59
N SER A 671 -4.32 -3.35 -20.83
CA SER A 671 -3.63 -2.66 -21.91
C SER A 671 -3.69 -1.16 -21.72
N MET A 672 -4.84 -0.67 -21.28
CA MET A 672 -5.03 0.76 -21.02
C MET A 672 -4.04 1.25 -19.96
N MET A 673 -3.73 0.37 -19.00
CA MET A 673 -2.73 0.70 -17.99
C MET A 673 -1.33 0.62 -18.58
N ALA A 674 -1.06 -0.47 -19.30
CA ALA A 674 0.27 -0.75 -19.84
C ALA A 674 0.74 0.29 -20.86
N LEU A 675 -0.20 1.04 -21.45
CA LEU A 675 0.16 2.02 -22.47
C LEU A 675 -0.17 3.45 -22.05
N SER A 676 -0.46 3.64 -20.76
CA SER A 676 -0.78 4.98 -20.27
C SER A 676 0.47 5.70 -19.79
N GLN A 677 0.46 7.03 -19.90
CA GLN A 677 1.51 7.84 -19.30
C GLN A 677 1.43 7.65 -17.80
N GLY A 678 2.55 7.85 -17.11
CA GLY A 678 2.58 7.59 -15.68
C GLY A 678 3.06 6.18 -15.41
N ILE A 679 2.68 5.63 -14.27
CA ILE A 679 3.17 4.33 -13.85
C ILE A 679 2.08 3.28 -13.78
N PRO A 680 2.14 2.29 -14.69
CA PRO A 680 1.18 1.18 -14.72
C PRO A 680 1.33 0.26 -13.50
N PHE A 681 0.21 -0.16 -12.95
CA PHE A 681 0.17 -1.03 -11.79
C PHE A 681 -0.70 -2.25 -12.11
N PHE A 682 -0.15 -3.45 -11.91
CA PHE A 682 -0.86 -4.67 -12.24
C PHE A 682 -1.06 -5.58 -11.04
N HIS A 683 -2.26 -6.12 -10.90
CA HIS A 683 -2.53 -7.08 -9.84
C HIS A 683 -2.14 -8.48 -10.31
N ALA A 684 -1.31 -9.16 -9.52
CA ALA A 684 -0.87 -10.50 -9.87
C ALA A 684 -2.07 -11.37 -10.25
N GLY A 685 -2.11 -11.79 -11.51
CA GLY A 685 -3.19 -12.63 -11.99
C GLY A 685 -3.93 -12.01 -13.15
N ASP A 686 -3.87 -10.69 -13.27
CA ASP A 686 -4.48 -9.99 -14.40
C ASP A 686 -4.15 -10.69 -15.70
N GLU A 687 -2.88 -11.05 -15.84
CA GLU A 687 -2.36 -11.62 -17.09
C GLU A 687 -2.84 -13.04 -17.32
N ILE A 688 -3.38 -13.69 -16.29
CA ILE A 688 -3.87 -15.06 -16.43
C ILE A 688 -5.31 -15.24 -15.94
N LEU A 689 -6.10 -14.18 -16.03
CA LEU A 689 -7.53 -14.23 -15.73
C LEU A 689 -7.84 -14.71 -14.32
N ARG A 690 -6.93 -14.45 -13.39
CA ARG A 690 -7.11 -14.88 -12.00
C ARG A 690 -8.46 -14.49 -11.41
N SER A 691 -9.06 -15.41 -10.66
CA SER A 691 -10.35 -15.20 -10.03
C SER A 691 -10.30 -15.59 -8.55
N LYS A 692 -11.10 -14.92 -7.74
CA LYS A 692 -11.28 -15.30 -6.34
C LYS A 692 -12.71 -15.78 -6.14
N SER A 693 -13.31 -16.27 -7.22
CA SER A 693 -14.70 -16.70 -7.21
C SER A 693 -15.60 -15.56 -6.73
N ILE A 694 -15.23 -14.34 -7.10
CA ILE A 694 -16.02 -13.13 -6.82
C ILE A 694 -15.96 -12.69 -5.35
N ASP A 695 -14.86 -13.02 -4.69
CA ASP A 695 -14.61 -12.55 -3.32
C ASP A 695 -14.11 -11.11 -3.37
N ARG A 696 -14.76 -10.22 -2.63
CA ARG A 696 -14.43 -8.81 -2.69
C ARG A 696 -13.50 -8.34 -1.57
N ASP A 697 -13.14 -9.25 -0.66
CA ASP A 697 -12.23 -8.93 0.43
C ASP A 697 -11.58 -10.20 0.96
N SER A 698 -10.67 -10.76 0.17
CA SER A 698 -10.12 -12.08 0.43
C SER A 698 -8.95 -12.09 1.43
N TYR A 699 -8.87 -11.05 2.26
CA TYR A 699 -7.78 -10.92 3.21
C TYR A 699 -7.68 -12.13 4.16
N ASN A 700 -8.79 -12.82 4.34
CA ASN A 700 -8.87 -13.87 5.34
C ASN A 700 -9.57 -15.13 4.81
N SER A 701 -9.53 -15.31 3.49
CA SER A 701 -10.30 -16.38 2.84
C SER A 701 -9.47 -17.61 2.47
N GLY A 702 -8.25 -17.69 3.01
CA GLY A 702 -7.42 -18.86 2.85
C GLY A 702 -6.82 -19.05 1.47
N ASP A 703 -6.04 -20.11 1.31
CA ASP A 703 -5.43 -20.45 0.02
C ASP A 703 -6.48 -20.82 -1.02
N TRP A 704 -7.63 -21.32 -0.55
CA TRP A 704 -8.67 -21.81 -1.45
C TRP A 704 -9.21 -20.75 -2.39
N PHE A 705 -9.51 -19.58 -1.87
CA PHE A 705 -10.13 -18.51 -2.67
C PHE A 705 -9.10 -17.56 -3.26
N ASN A 706 -7.83 -17.75 -2.90
CA ASN A 706 -6.77 -16.87 -3.34
C ASN A 706 -5.76 -17.57 -4.25
N LYS A 707 -6.14 -18.73 -4.77
CA LYS A 707 -5.25 -19.58 -5.55
C LYS A 707 -4.63 -18.90 -6.76
N LEU A 708 -3.32 -19.03 -6.90
CA LEU A 708 -2.60 -18.61 -8.10
C LEU A 708 -2.06 -19.84 -8.81
N ASP A 709 -2.76 -20.29 -9.86
CA ASP A 709 -2.39 -21.52 -10.56
C ASP A 709 -1.40 -21.28 -11.70
N PHE A 710 -0.14 -21.65 -11.48
CA PHE A 710 0.88 -21.44 -12.50
C PHE A 710 1.03 -22.63 -13.44
N THR A 711 0.12 -23.59 -13.34
CA THR A 711 0.02 -24.66 -14.33
C THR A 711 -0.91 -24.19 -15.45
N TYR A 712 -1.61 -23.10 -15.19
CA TYR A 712 -2.51 -22.48 -16.16
C TYR A 712 -3.70 -23.37 -16.52
N GLU A 713 -4.04 -24.30 -15.64
CA GLU A 713 -5.16 -25.21 -15.87
C GLU A 713 -6.47 -24.56 -15.45
N THR A 714 -6.41 -23.70 -14.44
CA THR A 714 -7.58 -23.01 -13.93
C THR A 714 -7.27 -21.57 -13.53
N ASN A 715 -8.31 -20.79 -13.28
CA ASN A 715 -8.15 -19.42 -12.79
C ASN A 715 -8.87 -19.24 -11.46
N ASN A 716 -9.28 -20.36 -10.87
CA ASN A 716 -9.97 -20.37 -9.58
C ASN A 716 -11.38 -19.81 -9.63
N TRP A 717 -12.01 -19.92 -10.79
CA TRP A 717 -13.40 -19.50 -10.94
C TRP A 717 -14.34 -20.67 -10.65
N GLY A 718 -15.46 -20.38 -10.03
CA GLY A 718 -16.46 -21.40 -9.72
C GLY A 718 -16.01 -22.40 -8.68
N VAL A 719 -15.38 -21.92 -7.62
CA VAL A 719 -14.94 -22.80 -6.53
C VAL A 719 -15.81 -22.60 -5.29
N GLY A 720 -17.08 -22.26 -5.53
CA GLY A 720 -18.03 -22.02 -4.46
C GLY A 720 -18.24 -20.54 -4.24
N LEU A 721 -19.29 -20.19 -3.48
CA LEU A 721 -19.53 -18.82 -3.10
C LEU A 721 -18.44 -18.35 -2.13
N PRO A 722 -18.13 -17.05 -2.15
CA PRO A 722 -17.13 -16.44 -1.27
C PRO A 722 -17.64 -16.30 0.16
N PRO A 723 -16.72 -16.30 1.15
CA PRO A 723 -17.05 -16.22 2.57
C PRO A 723 -18.15 -15.21 2.86
N SER A 724 -19.21 -15.67 3.52
CA SER A 724 -20.42 -14.89 3.72
C SER A 724 -20.19 -13.56 4.44
N GLU A 725 -19.21 -13.52 5.32
CA GLU A 725 -18.95 -12.34 6.14
C GLU A 725 -18.92 -11.06 5.32
N LYS A 726 -18.32 -11.12 4.13
CA LYS A 726 -18.16 -9.93 3.30
C LYS A 726 -18.91 -10.03 1.98
N ASN A 727 -19.54 -11.16 1.72
CA ASN A 727 -20.13 -11.40 0.41
C ASN A 727 -21.58 -11.90 0.42
N GLU A 728 -22.10 -12.25 1.60
CA GLU A 728 -23.42 -12.88 1.70
C GLU A 728 -24.51 -12.09 0.98
N ASP A 729 -24.44 -10.77 1.05
CA ASP A 729 -25.47 -9.92 0.47
C ASP A 729 -25.42 -9.87 -1.07
N ASN A 730 -24.40 -10.48 -1.65
CA ASN A 730 -24.27 -10.51 -3.10
C ASN A 730 -24.28 -11.94 -3.67
N TRP A 731 -24.44 -12.92 -2.79
CA TRP A 731 -24.51 -14.32 -3.21
C TRP A 731 -25.53 -14.56 -4.33
N PRO A 732 -26.75 -14.01 -4.21
CA PRO A 732 -27.75 -14.21 -5.25
C PRO A 732 -27.25 -13.78 -6.62
N LEU A 733 -26.33 -12.83 -6.63
CA LEU A 733 -25.79 -12.28 -7.86
C LEU A 733 -24.66 -13.17 -8.40
N MET A 734 -23.98 -13.85 -7.50
CA MET A 734 -22.81 -14.64 -7.86
C MET A 734 -23.17 -16.06 -8.26
N LYS A 735 -24.05 -16.69 -7.47
CA LYS A 735 -24.41 -18.10 -7.66
C LYS A 735 -24.68 -18.49 -9.11
N PRO A 736 -25.62 -17.81 -9.78
CA PRO A 736 -25.95 -18.15 -11.16
C PRO A 736 -24.72 -18.07 -12.08
N ARG A 737 -23.87 -17.08 -11.83
CA ARG A 737 -22.68 -16.89 -12.65
C ARG A 737 -21.61 -17.94 -12.37
N LEU A 738 -21.47 -18.31 -11.10
CA LEU A 738 -20.50 -19.32 -10.69
C LEU A 738 -20.89 -20.70 -11.22
N GLU A 739 -22.20 -20.95 -11.27
CA GLU A 739 -22.70 -22.25 -11.71
C GLU A 739 -22.78 -22.37 -13.22
N ASN A 740 -22.66 -21.23 -13.91
CA ASN A 740 -22.73 -21.22 -15.36
C ASN A 740 -21.41 -21.64 -16.01
N PRO A 741 -21.37 -22.85 -16.56
CA PRO A 741 -20.16 -23.46 -17.13
C PRO A 741 -19.50 -22.62 -18.22
N SER A 742 -20.27 -21.72 -18.84
CA SER A 742 -19.74 -20.91 -19.93
C SER A 742 -19.01 -19.67 -19.43
N PHE A 743 -18.88 -19.55 -18.11
CA PHE A 743 -18.12 -18.46 -17.49
C PHE A 743 -16.71 -18.91 -17.16
N LYS A 744 -16.51 -20.22 -17.13
CA LYS A 744 -15.23 -20.79 -16.72
C LYS A 744 -14.26 -20.92 -17.88
N PRO A 745 -13.12 -20.22 -17.80
CA PRO A 745 -12.09 -20.24 -18.84
C PRO A 745 -11.27 -21.52 -18.79
N ALA A 746 -10.74 -21.93 -19.94
CA ALA A 746 -9.89 -23.11 -20.01
C ALA A 746 -8.43 -22.68 -20.18
N LYS A 747 -7.53 -23.65 -20.19
CA LYS A 747 -6.10 -23.37 -20.33
C LYS A 747 -5.81 -22.49 -21.55
N GLY A 748 -6.46 -22.78 -22.66
CA GLY A 748 -6.27 -22.03 -23.88
C GLY A 748 -6.45 -20.54 -23.70
N HIS A 749 -7.55 -20.16 -23.06
CA HIS A 749 -7.85 -18.75 -22.82
C HIS A 749 -6.77 -18.11 -21.95
N ILE A 750 -6.44 -18.78 -20.85
CA ILE A 750 -5.46 -18.28 -19.89
C ILE A 750 -4.11 -17.99 -20.55
N LEU A 751 -3.65 -18.92 -21.37
CA LEU A 751 -2.39 -18.74 -22.08
C LEU A 751 -2.46 -17.58 -23.07
N ALA A 752 -3.59 -17.47 -23.78
CA ALA A 752 -3.79 -16.38 -24.72
C ALA A 752 -3.72 -15.04 -24.00
N ALA A 753 -4.39 -14.95 -22.86
CA ALA A 753 -4.37 -13.74 -22.04
C ALA A 753 -2.94 -13.37 -21.66
N LEU A 754 -2.17 -14.39 -21.29
CA LEU A 754 -0.78 -14.20 -20.87
C LEU A 754 0.09 -13.76 -22.04
N ASP A 755 -0.15 -14.31 -23.22
CA ASP A 755 0.63 -13.97 -24.40
C ASP A 755 0.42 -12.51 -24.81
N SER A 756 -0.84 -12.09 -24.83
CA SER A 756 -1.18 -10.73 -25.25
C SER A 756 -0.76 -9.69 -24.21
N PHE A 757 -0.75 -10.10 -22.94
CA PHE A 757 -0.29 -9.22 -21.87
C PHE A 757 1.19 -8.95 -22.04
N VAL A 758 1.96 -10.02 -22.25
CA VAL A 758 3.39 -9.92 -22.51
C VAL A 758 3.68 -8.96 -23.66
N ASP A 759 3.00 -9.16 -24.78
CA ASP A 759 3.19 -8.32 -25.96
C ASP A 759 2.95 -6.84 -25.66
N ILE A 760 1.93 -6.54 -24.86
CA ILE A 760 1.61 -5.15 -24.54
C ILE A 760 2.72 -4.50 -23.72
N LEU A 761 3.32 -5.26 -22.81
CA LEU A 761 4.49 -4.80 -22.07
C LEU A 761 5.63 -4.48 -23.03
N LYS A 762 5.85 -5.37 -23.99
CA LYS A 762 6.90 -5.18 -24.98
C LYS A 762 6.69 -3.89 -25.75
N ILE A 763 5.42 -3.55 -26.00
CA ILE A 763 5.10 -2.33 -26.74
C ILE A 763 5.38 -1.09 -25.91
N ARG A 764 5.10 -1.15 -24.62
CA ARG A 764 5.38 -0.02 -23.73
C ARG A 764 6.88 0.26 -23.66
N TYR A 765 7.69 -0.78 -23.73
CA TYR A 765 9.13 -0.62 -23.62
C TYR A 765 9.85 -0.64 -24.96
N SER A 766 9.09 -0.56 -26.05
CA SER A 766 9.68 -0.50 -27.38
C SER A 766 9.91 0.95 -27.80
N SER A 767 9.21 1.86 -27.15
CA SER A 767 9.32 3.29 -27.43
C SER A 767 9.22 4.11 -26.16
N PRO A 768 10.11 5.11 -26.01
CA PRO A 768 10.13 6.01 -24.85
C PRO A 768 8.92 6.95 -24.85
N LEU A 769 8.20 7.01 -25.96
CA LEU A 769 7.07 7.91 -26.10
C LEU A 769 5.92 7.55 -25.15
N PHE A 770 5.84 6.27 -24.78
CA PHE A 770 4.83 5.84 -23.81
C PHE A 770 5.20 6.25 -22.40
N ARG A 771 6.46 6.66 -22.20
CA ARG A 771 6.98 6.93 -20.87
C ARG A 771 7.57 8.33 -20.69
N LEU A 772 6.83 9.35 -21.12
CA LEU A 772 7.29 10.73 -20.98
C LEU A 772 7.52 11.09 -19.52
N SER A 773 8.59 11.81 -19.24
CA SER A 773 9.04 12.04 -17.87
C SER A 773 8.52 13.32 -17.21
N THR A 774 7.99 14.24 -18.01
CA THR A 774 7.50 15.51 -17.45
C THR A 774 6.13 15.90 -17.98
N ALA A 775 5.46 16.79 -17.25
CA ALA A 775 4.16 17.28 -17.66
C ALA A 775 4.29 18.12 -18.93
N ASN A 776 5.36 18.89 -19.02
CA ASN A 776 5.61 19.70 -20.21
C ASN A 776 5.66 18.83 -21.46
N ASP A 777 6.36 17.71 -21.37
CA ASP A 777 6.51 16.79 -22.49
C ASP A 777 5.18 16.19 -22.91
N ILE A 778 4.32 15.91 -21.92
CA ILE A 778 3.02 15.31 -22.19
C ILE A 778 2.08 16.32 -22.85
N LYS A 779 2.09 17.55 -22.35
CA LYS A 779 1.24 18.60 -22.90
C LYS A 779 1.58 18.85 -24.36
N GLN A 780 2.85 18.65 -24.71
CA GLN A 780 3.34 18.95 -26.05
C GLN A 780 3.15 17.81 -27.05
N ARG A 781 3.18 16.58 -26.57
CA ARG A 781 3.23 15.42 -27.46
C ARG A 781 1.96 14.56 -27.46
N VAL A 782 1.25 14.54 -26.33
CA VAL A 782 0.08 13.68 -26.20
C VAL A 782 -1.20 14.39 -26.60
N ARG A 783 -1.93 13.81 -27.54
CA ARG A 783 -3.19 14.36 -28.01
C ARG A 783 -4.22 13.25 -28.24
N PHE A 784 -5.49 13.57 -28.04
CA PHE A 784 -6.57 12.62 -28.26
C PHE A 784 -7.42 13.04 -29.46
N HIS A 785 -7.81 12.07 -30.29
CA HIS A 785 -8.39 12.39 -31.58
C HIS A 785 -9.86 12.01 -31.75
N ASN A 786 -10.48 11.45 -30.71
CA ASN A 786 -11.90 11.15 -30.72
C ASN A 786 -12.62 11.83 -29.56
N THR A 787 -12.95 13.10 -29.73
CA THR A 787 -13.55 13.89 -28.66
C THR A 787 -14.68 14.76 -29.18
N GLY A 788 -15.30 15.51 -28.27
CA GLY A 788 -16.38 16.42 -28.64
C GLY A 788 -17.75 15.81 -28.45
N PRO A 789 -18.80 16.58 -28.77
CA PRO A 789 -20.20 16.16 -28.62
C PRO A 789 -20.57 15.06 -29.59
N SER A 790 -19.83 14.92 -30.69
CA SER A 790 -20.14 13.93 -31.72
C SER A 790 -19.07 12.86 -31.81
N LEU A 791 -18.49 12.50 -30.67
CA LEU A 791 -17.46 11.47 -30.64
C LEU A 791 -18.07 10.07 -30.80
N VAL A 792 -17.35 9.20 -31.50
CA VAL A 792 -17.77 7.82 -31.65
C VAL A 792 -17.69 7.12 -30.29
N PRO A 793 -18.82 6.61 -29.80
CA PRO A 793 -18.88 5.97 -28.48
C PRO A 793 -17.97 4.73 -28.39
N GLY A 794 -17.29 4.58 -27.25
CA GLY A 794 -16.52 3.38 -26.98
C GLY A 794 -15.18 3.32 -27.69
N VAL A 795 -14.68 4.46 -28.13
CA VAL A 795 -13.38 4.50 -28.79
C VAL A 795 -12.48 5.59 -28.21
N ILE A 796 -11.23 5.24 -27.94
CA ILE A 796 -10.24 6.19 -27.47
C ILE A 796 -9.04 6.16 -28.42
N VAL A 797 -8.71 7.32 -28.99
CA VAL A 797 -7.59 7.42 -29.91
C VAL A 797 -6.52 8.33 -29.36
N MET A 798 -5.41 7.75 -28.93
CA MET A 798 -4.33 8.51 -28.31
C MET A 798 -3.12 8.60 -29.23
N GLY A 799 -2.68 9.83 -29.50
CA GLY A 799 -1.52 10.05 -30.35
C GLY A 799 -0.36 10.65 -29.57
N ILE A 800 0.84 10.17 -29.86
CA ILE A 800 2.03 10.66 -29.18
C ILE A 800 3.07 11.11 -30.21
N GLU A 801 3.39 12.40 -30.21
CA GLU A 801 4.25 12.99 -31.23
C GLU A 801 5.72 13.03 -30.81
N ASP A 802 6.60 12.89 -31.80
CA ASP A 802 8.04 13.02 -31.58
C ASP A 802 8.63 13.93 -32.64
N ALA A 803 9.91 14.30 -32.49
CA ALA A 803 10.56 15.21 -33.41
C ALA A 803 10.50 14.69 -34.85
N ARG A 804 9.83 15.46 -35.71
CA ARG A 804 9.67 15.08 -37.11
C ARG A 804 10.28 16.14 -38.02
N GLY A 805 10.70 15.72 -39.22
CA GLY A 805 11.28 16.62 -40.19
C GLY A 805 12.49 17.37 -39.64
N GLU A 806 12.85 18.47 -40.29
CA GLU A 806 14.00 19.26 -39.84
C GLU A 806 13.54 20.51 -39.09
N SER A 807 14.37 20.95 -38.15
CA SER A 807 14.04 22.10 -37.30
C SER A 807 12.82 21.85 -36.43
N PRO A 808 12.86 20.78 -35.61
CA PRO A 808 11.77 20.45 -34.70
C PRO A 808 11.83 21.28 -33.43
N GLU A 809 10.68 21.54 -32.83
CA GLU A 809 10.61 22.24 -31.55
C GLU A 809 10.72 21.26 -30.38
N MET A 810 10.94 19.98 -30.69
CA MET A 810 11.10 18.96 -29.67
C MET A 810 12.48 18.32 -29.78
N ALA A 811 12.82 17.50 -28.79
CA ALA A 811 14.01 16.67 -28.86
C ALA A 811 13.60 15.29 -29.38
N GLN A 812 14.35 14.75 -30.32
CA GLN A 812 14.06 13.41 -30.82
C GLN A 812 14.23 12.40 -29.70
N LEU A 813 13.11 11.92 -29.15
CA LEU A 813 13.15 10.99 -28.04
C LEU A 813 13.23 9.54 -28.52
N ASP A 814 12.70 9.29 -29.71
CA ASP A 814 12.67 7.95 -30.27
C ASP A 814 13.44 7.90 -31.58
N THR A 815 14.32 6.90 -31.71
CA THR A 815 15.16 6.76 -32.90
C THR A 815 14.52 5.83 -33.93
N ASN A 816 13.46 5.14 -33.54
CA ASN A 816 12.79 4.18 -34.42
C ASN A 816 11.50 4.74 -35.02
N PHE A 817 10.75 5.49 -34.22
CA PHE A 817 9.48 6.04 -34.66
C PHE A 817 9.43 7.54 -34.43
N SER A 818 8.68 8.24 -35.27
CA SER A 818 8.53 9.69 -35.14
C SER A 818 7.13 10.04 -34.65
N TYR A 819 6.26 9.03 -34.56
CA TYR A 819 4.90 9.22 -34.09
C TYR A 819 4.29 7.87 -33.70
N VAL A 820 3.39 7.89 -32.72
CA VAL A 820 2.73 6.67 -32.27
C VAL A 820 1.24 6.90 -32.02
N VAL A 821 0.40 6.05 -32.59
CA VAL A 821 -1.04 6.15 -32.41
C VAL A 821 -1.60 4.89 -31.78
N THR A 822 -2.46 5.06 -30.78
CA THR A 822 -3.06 3.94 -30.08
C THR A 822 -4.58 4.04 -30.12
N VAL A 823 -5.24 3.01 -30.62
CA VAL A 823 -6.69 2.99 -30.66
C VAL A 823 -7.25 1.95 -29.70
N PHE A 824 -8.07 2.40 -28.75
CA PHE A 824 -8.74 1.52 -27.82
C PHE A 824 -10.20 1.35 -28.24
N ASN A 825 -10.53 0.19 -28.78
CA ASN A 825 -11.89 -0.09 -29.23
C ASN A 825 -12.60 -1.07 -28.31
N VAL A 826 -13.51 -0.56 -27.49
CA VAL A 826 -14.27 -1.41 -26.57
C VAL A 826 -15.62 -1.81 -27.17
N CYS A 827 -15.92 -1.29 -28.36
CA CYS A 827 -17.11 -1.71 -29.09
C CYS A 827 -16.97 -3.16 -29.51
N PRO A 828 -18.09 -3.91 -29.49
CA PRO A 828 -18.08 -5.29 -29.97
C PRO A 828 -17.75 -5.38 -31.45
N HIS A 829 -18.04 -4.32 -32.20
CA HIS A 829 -17.86 -4.32 -33.65
C HIS A 829 -16.64 -3.53 -34.10
N GLU A 830 -16.17 -3.82 -35.31
CA GLU A 830 -15.03 -3.11 -35.91
C GLU A 830 -15.39 -1.66 -36.17
N VAL A 831 -14.40 -0.77 -36.08
CA VAL A 831 -14.63 0.65 -36.32
C VAL A 831 -13.59 1.24 -37.27
N SER A 832 -13.96 2.32 -37.95
CA SER A 832 -13.05 3.03 -38.83
C SER A 832 -12.99 4.50 -38.44
N MET A 833 -11.86 4.91 -37.87
CA MET A 833 -11.69 6.26 -37.37
C MET A 833 -10.93 7.12 -38.37
N ASP A 834 -11.61 8.10 -38.94
CA ASP A 834 -10.97 9.05 -39.85
C ASP A 834 -10.31 10.17 -39.06
N ILE A 835 -8.98 10.19 -39.07
CA ILE A 835 -8.21 11.22 -38.37
C ILE A 835 -7.38 12.00 -39.37
N PRO A 836 -7.96 13.09 -39.91
CA PRO A 836 -7.32 13.90 -40.96
C PRO A 836 -5.95 14.42 -40.54
N ALA A 837 -5.81 14.76 -39.26
CA ALA A 837 -4.53 15.28 -38.75
C ALA A 837 -3.40 14.30 -39.01
N LEU A 838 -3.74 13.02 -39.09
CA LEU A 838 -2.75 11.97 -39.28
C LEU A 838 -2.85 11.37 -40.68
N ALA A 839 -3.21 12.20 -41.66
CA ALA A 839 -3.32 11.75 -43.04
C ALA A 839 -1.99 11.90 -43.77
N SER A 840 -1.79 11.06 -44.78
CA SER A 840 -0.57 11.11 -45.59
C SER A 840 0.69 10.89 -44.74
N MET A 841 0.64 9.88 -43.88
CA MET A 841 1.80 9.51 -43.07
C MET A 841 2.07 8.02 -43.22
N GLY A 842 3.22 7.58 -42.73
CA GLY A 842 3.63 6.19 -42.89
C GLY A 842 3.35 5.33 -41.68
N PHE A 843 2.08 5.21 -41.31
CA PHE A 843 1.70 4.41 -40.16
C PHE A 843 1.58 2.92 -40.48
N GLU A 844 2.21 2.10 -39.66
CA GLU A 844 2.14 0.65 -39.79
C GLU A 844 1.68 0.03 -38.48
N LEU A 845 1.03 -1.12 -38.57
CA LEU A 845 0.69 -1.87 -37.37
C LEU A 845 2.00 -2.19 -36.66
N HIS A 846 2.00 -2.07 -35.33
CA HIS A 846 3.22 -2.31 -34.55
C HIS A 846 3.76 -3.70 -34.85
N PRO A 847 5.08 -3.80 -35.08
CA PRO A 847 5.75 -5.07 -35.36
C PRO A 847 5.36 -6.17 -34.38
N VAL A 848 5.15 -5.80 -33.12
CA VAL A 848 4.79 -6.77 -32.10
C VAL A 848 3.38 -7.31 -32.32
N GLN A 849 2.49 -6.47 -32.82
CA GLN A 849 1.11 -6.89 -33.08
C GLN A 849 0.99 -7.60 -34.42
N VAL A 850 1.92 -7.32 -35.33
CA VAL A 850 1.96 -8.02 -36.61
C VAL A 850 2.35 -9.49 -36.37
N ASN A 851 3.16 -9.71 -35.35
CA ASN A 851 3.59 -11.07 -34.99
C ASN A 851 2.76 -11.64 -33.85
N SER A 852 1.63 -11.00 -33.58
CA SER A 852 0.77 -11.43 -32.49
C SER A 852 0.18 -12.82 -32.75
N SER A 853 -0.15 -13.53 -31.68
CA SER A 853 -0.81 -14.81 -31.79
C SER A 853 -2.32 -14.60 -31.94
N ASP A 854 -2.77 -13.40 -31.61
CA ASP A 854 -4.17 -13.01 -31.82
C ASP A 854 -4.39 -12.68 -33.29
N THR A 855 -5.15 -13.52 -33.97
CA THR A 855 -5.40 -13.33 -35.40
C THR A 855 -6.19 -12.06 -35.66
N LEU A 856 -6.92 -11.60 -34.65
CA LEU A 856 -7.82 -10.46 -34.81
C LEU A 856 -7.06 -9.13 -34.95
N VAL A 857 -6.16 -8.86 -34.00
CA VAL A 857 -5.43 -7.59 -34.00
C VAL A 857 -4.57 -7.41 -35.24
N ARG A 858 -4.17 -8.52 -35.85
CA ARG A 858 -3.36 -8.50 -37.07
C ARG A 858 -4.13 -7.90 -38.25
N LYS A 859 -5.45 -7.81 -38.12
CA LYS A 859 -6.28 -7.29 -39.19
C LYS A 859 -6.47 -5.78 -39.09
N SER A 860 -5.73 -5.15 -38.18
CA SER A 860 -5.74 -3.69 -38.05
C SER A 860 -5.06 -3.06 -39.25
N ALA A 861 -5.62 -1.96 -39.74
CA ALA A 861 -5.10 -1.33 -40.95
C ALA A 861 -5.13 0.19 -40.87
N TYR A 862 -4.34 0.82 -41.73
CA TYR A 862 -4.29 2.28 -41.82
C TYR A 862 -4.30 2.72 -43.27
N GLU A 863 -5.20 3.63 -43.60
CA GLU A 863 -5.31 4.14 -44.96
C GLU A 863 -4.83 5.59 -45.01
N ALA A 864 -3.79 5.82 -45.80
CA ALA A 864 -3.10 7.12 -45.81
C ALA A 864 -3.97 8.29 -46.30
N ALA A 865 -4.59 8.11 -47.47
CA ALA A 865 -5.31 9.21 -48.12
C ALA A 865 -6.31 9.92 -47.21
N THR A 866 -6.86 9.20 -46.24
CA THR A 866 -7.86 9.78 -45.34
C THR A 866 -7.42 9.71 -43.89
N GLY A 867 -6.29 9.07 -43.64
CA GLY A 867 -5.82 8.86 -42.28
C GLY A 867 -6.82 8.02 -41.49
N ARG A 868 -7.38 7.01 -42.15
CA ARG A 868 -8.37 6.14 -41.54
C ARG A 868 -7.72 4.96 -40.84
N PHE A 869 -8.08 4.74 -39.57
CA PHE A 869 -7.58 3.60 -38.82
C PHE A 869 -8.69 2.58 -38.60
N THR A 870 -8.54 1.39 -39.19
CA THR A 870 -9.54 0.34 -39.04
C THR A 870 -9.14 -0.65 -37.95
N VAL A 871 -9.96 -0.73 -36.90
CA VAL A 871 -9.67 -1.56 -35.74
C VAL A 871 -10.84 -2.47 -35.39
N PRO A 872 -10.56 -3.77 -35.19
CA PRO A 872 -11.58 -4.76 -34.82
C PRO A 872 -12.19 -4.45 -33.46
N GLY A 873 -13.28 -5.13 -33.13
CA GLY A 873 -13.96 -4.91 -31.86
C GLY A 873 -13.19 -5.51 -30.70
N ARG A 874 -13.39 -4.95 -29.51
CA ARG A 874 -12.72 -5.42 -28.30
C ARG A 874 -11.23 -5.60 -28.56
N THR A 875 -10.60 -4.59 -29.16
CA THR A 875 -9.22 -4.68 -29.57
C THR A 875 -8.47 -3.38 -29.34
N VAL A 876 -7.23 -3.48 -28.87
CA VAL A 876 -6.34 -2.33 -28.77
C VAL A 876 -5.24 -2.45 -29.82
N SER A 877 -5.18 -1.46 -30.71
CA SER A 877 -4.24 -1.50 -31.83
C SER A 877 -3.25 -0.34 -31.81
N VAL A 878 -1.96 -0.68 -31.90
CA VAL A 878 -0.91 0.32 -31.86
C VAL A 878 -0.30 0.56 -33.24
N PHE A 879 -0.28 1.81 -33.67
CA PHE A 879 0.29 2.16 -34.97
C PHE A 879 1.51 3.06 -34.78
N VAL A 880 2.52 2.87 -35.62
CA VAL A 880 3.76 3.62 -35.52
C VAL A 880 4.19 4.16 -36.87
N GLU A 881 5.00 5.21 -36.86
CA GLU A 881 5.55 5.76 -38.09
C GLU A 881 7.07 5.64 -38.08
N PRO A 882 7.60 4.68 -38.85
CA PRO A 882 9.04 4.41 -38.90
C PRO A 882 9.84 5.63 -39.34
N ARG A 883 11.04 5.79 -38.79
CA ARG A 883 11.94 6.85 -39.21
C ARG A 883 12.81 6.40 -40.38
N CYS A 884 13.22 5.14 -40.35
CA CYS A 884 14.05 4.58 -41.40
C CYS A 884 13.43 4.77 -42.77
#